data_7PM3
#
_entry.id   7PM3
#
_cell.length_a   1.00
_cell.length_b   1.00
_cell.length_c   1.00
_cell.angle_alpha   90.00
_cell.angle_beta   90.00
_cell.angle_gamma   90.00
#
_symmetry.space_group_name_H-M   'P 1'
#
loop_
_entity.id
_entity.type
_entity.pdbx_description
1 polymer 'Actin, alpha skeletal muscle'
2 non-polymer "ADENOSINE-5'-DIPHOSPHATE"
3 non-polymer 'PHOSPHATE ION'
4 non-polymer 'MAGNESIUM ION'
5 non-polymer Jasplakinolide
#
_entity_poly.entity_id   1
_entity_poly.type   'polypeptide(L)'
_entity_poly.pdbx_seq_one_letter_code
;MCDEDETTALVCDNGSGLVKAGFAGDDAPRAVFPSIVGRPRHQGVMVGMGQKDSYVGDEAQSKRGILTLKYPIE(HIC)G
IITNWDDMEKIWHHTFYNELRVAPEEHPTLLTEAPLNPKANREKMTQIMFETFNVPAMYVAIQAVLSLYASGRTTGIVLD
SGDGVTHNVPIYEGYALPHAIMRLDLAGRDLTDYLMKILTERGYSFVTTAEREIVRDIKEKLCYVALDFENEMATAASSS
SLEKSYELPDGQVITIGNERFRCPETLFQPSFIGMESAGIHETTYNSIMKCDIDIRKDLYANNVMSGGTTMYPGIADRMQ
KEITALAPSTMKIKIIAPPERKYSVWIGGSILASLSTFQQMWITKQEYDEAGPSIVHRKCF
;
_entity_poly.pdbx_strand_id   B,C,D
#
loop_
_chem_comp.id
_chem_comp.type
_chem_comp.name
_chem_comp.formula
9UE non-polymer Jasplakinolide 'C36 H45 Br N4 O6'
ADP non-polymer ADENOSINE-5'-DIPHOSPHATE 'C10 H15 N5 O10 P2'
MG non-polymer 'MAGNESIUM ION' 'Mg 2'
PO4 non-polymer 'PHOSPHATE ION' 'O4 P -3'
#
# COMPACT_ATOMS: atom_id res chain seq x y z
N THR A 7 -32.01 2.91 -30.34
CA THR A 7 -31.91 4.32 -30.65
C THR A 7 -30.97 5.03 -29.67
N THR A 8 -31.53 5.46 -28.54
CA THR A 8 -30.84 6.36 -27.63
C THR A 8 -31.25 6.02 -26.21
N ALA A 9 -30.45 6.49 -25.26
CA ALA A 9 -30.39 5.88 -23.94
C ALA A 9 -30.64 6.94 -22.87
N LEU A 10 -31.56 6.64 -21.96
CA LEU A 10 -31.85 7.56 -20.87
C LEU A 10 -30.71 7.53 -19.86
N VAL A 11 -30.38 8.69 -19.30
CA VAL A 11 -29.35 8.78 -18.28
C VAL A 11 -29.96 9.48 -17.07
N CYS A 12 -29.91 8.81 -15.94
CA CYS A 12 -30.63 9.22 -14.75
C CYS A 12 -29.65 9.29 -13.61
N ASP A 13 -29.62 10.41 -12.92
CA ASP A 13 -28.82 10.58 -11.71
C ASP A 13 -29.79 11.07 -10.65
N ASN A 14 -30.02 10.26 -9.64
CA ASN A 14 -31.01 10.54 -8.62
C ASN A 14 -30.37 10.39 -7.26
N GLY A 15 -30.53 11.42 -6.44
CA GLY A 15 -29.86 11.50 -5.16
C GLY A 15 -30.83 11.94 -4.10
N SER A 16 -30.33 12.20 -2.91
CA SER A 16 -31.18 12.58 -1.79
C SER A 16 -31.77 13.97 -1.96
N GLY A 17 -31.21 14.80 -2.83
CA GLY A 17 -31.71 16.16 -3.00
C GLY A 17 -32.34 16.51 -4.32
N LEU A 18 -32.10 15.74 -5.37
CA LEU A 18 -32.61 16.10 -6.69
C LEU A 18 -32.75 14.84 -7.52
N VAL A 19 -33.52 14.93 -8.60
CA VAL A 19 -33.37 14.08 -9.77
C VAL A 19 -32.79 14.89 -10.91
N LYS A 20 -31.78 14.32 -11.57
CA LYS A 20 -31.24 14.87 -12.81
C LYS A 20 -31.35 13.80 -13.89
N ALA A 21 -32.23 14.02 -14.86
CA ALA A 21 -32.52 13.02 -15.88
C ALA A 21 -32.60 13.68 -17.24
N GLY A 22 -32.44 12.87 -18.28
CA GLY A 22 -32.33 13.39 -19.63
C GLY A 22 -31.93 12.31 -20.59
N PHE A 23 -31.34 12.73 -21.72
CA PHE A 23 -30.95 11.81 -22.78
C PHE A 23 -29.45 11.84 -22.99
N ALA A 24 -28.90 10.68 -23.36
CA ALA A 24 -27.48 10.59 -23.66
C ALA A 24 -27.11 11.52 -24.81
N GLY A 25 -25.99 12.21 -24.66
CA GLY A 25 -25.47 13.11 -25.67
C GLY A 25 -26.00 14.52 -25.63
N ASP A 26 -27.02 14.80 -24.81
CA ASP A 26 -27.36 16.19 -24.51
C ASP A 26 -26.28 16.83 -23.64
N ASP A 27 -26.25 18.17 -23.68
CA ASP A 27 -25.27 18.94 -22.92
C ASP A 27 -25.65 19.06 -21.44
N ALA A 28 -26.91 18.84 -21.09
CA ALA A 28 -27.37 19.06 -19.73
C ALA A 28 -28.65 18.26 -19.53
N PRO A 29 -29.08 18.06 -18.29
CA PRO A 29 -30.36 17.37 -18.06
C PRO A 29 -31.53 18.13 -18.68
N ARG A 30 -32.58 17.39 -18.99
CA ARG A 30 -33.83 18.01 -19.42
C ARG A 30 -34.78 18.25 -18.26
N ALA A 31 -34.86 17.30 -17.33
CA ALA A 31 -35.67 17.43 -16.12
C ALA A 31 -34.74 17.54 -14.91
N VAL A 32 -34.92 18.58 -14.11
CA VAL A 32 -34.38 18.63 -12.75
C VAL A 32 -35.50 19.04 -11.81
N PHE A 33 -35.76 18.23 -10.80
CA PHE A 33 -36.83 18.50 -9.85
C PHE A 33 -36.49 17.85 -8.52
N PRO A 34 -36.96 18.40 -7.40
CA PRO A 34 -36.72 17.77 -6.10
C PRO A 34 -37.17 16.32 -6.05
N SER A 35 -36.40 15.50 -5.33
CA SER A 35 -36.76 14.12 -5.00
C SER A 35 -37.69 14.10 -3.77
N ILE A 36 -38.93 14.56 -3.98
CA ILE A 36 -39.88 14.77 -2.89
C ILE A 36 -41.22 14.16 -3.27
N VAL A 37 -41.87 13.53 -2.29
CA VAL A 37 -43.29 13.19 -2.37
C VAL A 37 -44.03 13.86 -1.21
N GLY A 38 -45.15 14.48 -1.50
CA GLY A 38 -45.93 15.21 -0.51
C GLY A 38 -47.34 14.66 -0.37
N ARG A 39 -47.80 14.56 0.87
CA ARG A 39 -49.16 14.13 1.17
C ARG A 39 -49.93 15.27 1.83
N PRO A 40 -51.23 15.37 1.57
CA PRO A 40 -52.07 16.35 2.27
C PRO A 40 -51.97 16.18 3.78
N ARG A 41 -51.65 17.27 4.47
CA ARG A 41 -51.36 17.22 5.89
C ARG A 41 -52.58 17.49 6.76
N HIS A 42 -53.39 18.49 6.42
CA HIS A 42 -54.44 18.92 7.34
C HIS A 42 -55.68 18.04 7.31
N GLN A 43 -55.90 17.27 6.25
CA GLN A 43 -57.01 16.33 6.20
C GLN A 43 -56.65 15.15 5.31
N GLY A 44 -57.38 14.05 5.52
CA GLY A 44 -57.58 13.08 4.47
C GLY A 44 -58.40 13.63 3.31
N VAL A 45 -58.09 13.10 2.12
CA VAL A 45 -58.56 13.70 0.87
C VAL A 45 -60.08 13.65 0.80
N MET A 46 -60.68 14.64 0.12
CA MET A 46 -62.09 14.59 -0.23
C MET A 46 -62.29 13.73 -1.48
N VAL A 47 -62.10 12.43 -1.28
CA VAL A 47 -61.80 11.50 -2.37
C VAL A 47 -62.86 11.54 -3.47
N GLY A 48 -64.12 11.80 -3.10
CA GLY A 48 -65.16 11.94 -4.11
C GLY A 48 -64.94 13.13 -5.02
N MET A 49 -64.53 14.26 -4.45
CA MET A 49 -64.14 15.40 -5.28
C MET A 49 -62.79 15.16 -5.92
N GLY A 50 -61.93 14.39 -5.25
CA GLY A 50 -60.76 13.78 -5.85
C GLY A 50 -59.61 14.70 -6.20
N GLN A 51 -59.24 15.59 -5.28
CA GLN A 51 -57.91 16.17 -5.31
C GLN A 51 -56.87 15.05 -5.31
N LYS A 52 -55.73 15.30 -5.96
CA LYS A 52 -54.67 14.30 -5.96
C LYS A 52 -54.27 13.96 -4.54
N ASP A 53 -54.11 12.66 -4.28
CA ASP A 53 -53.68 12.18 -2.97
C ASP A 53 -52.18 12.32 -2.73
N SER A 54 -51.38 12.56 -3.77
CA SER A 54 -49.97 12.84 -3.58
C SER A 54 -49.43 13.70 -4.71
N TYR A 55 -48.32 14.38 -4.42
CA TYR A 55 -47.69 15.31 -5.34
C TYR A 55 -46.19 15.05 -5.31
N VAL A 56 -45.54 15.29 -6.45
CA VAL A 56 -44.14 14.90 -6.65
C VAL A 56 -43.37 16.08 -7.23
N GLY A 57 -42.15 16.28 -6.72
CA GLY A 57 -41.25 17.28 -7.27
C GLY A 57 -41.75 18.71 -7.18
N ASP A 58 -41.78 19.38 -8.34
CA ASP A 58 -42.16 20.79 -8.35
C ASP A 58 -43.63 21.03 -8.09
N GLU A 59 -44.49 20.03 -8.26
CA GLU A 59 -45.87 20.16 -7.78
C GLU A 59 -45.91 20.30 -6.26
N ALA A 60 -45.22 19.39 -5.56
CA ALA A 60 -45.11 19.46 -4.11
C ALA A 60 -44.38 20.70 -3.63
N GLN A 61 -43.41 21.21 -4.38
CA GLN A 61 -42.82 22.50 -4.03
C GLN A 61 -43.76 23.69 -4.28
N SER A 62 -44.62 23.62 -5.30
CA SER A 62 -45.58 24.70 -5.50
C SER A 62 -46.63 24.71 -4.40
N LYS A 63 -47.28 23.57 -4.17
CA LYS A 63 -48.26 23.41 -3.10
C LYS A 63 -47.56 22.93 -1.83
N ARG A 64 -46.68 23.78 -1.31
CA ARG A 64 -45.80 23.34 -0.22
C ARG A 64 -46.52 23.36 1.12
N GLY A 65 -47.25 24.44 1.41
CA GLY A 65 -47.68 24.67 2.78
C GLY A 65 -48.68 23.65 3.29
N ILE A 66 -49.61 23.21 2.43
CA ILE A 66 -50.59 22.21 2.81
C ILE A 66 -50.01 20.80 2.92
N LEU A 67 -48.82 20.54 2.39
CA LEU A 67 -48.30 19.17 2.35
C LEU A 67 -47.22 18.96 3.41
N THR A 68 -46.97 17.68 3.68
CA THR A 68 -45.75 17.23 4.36
C THR A 68 -44.83 16.56 3.34
N LEU A 69 -43.58 16.98 3.32
CA LEU A 69 -42.64 16.61 2.28
C LEU A 69 -41.71 15.52 2.79
N LYS A 70 -41.72 14.37 2.12
CA LYS A 70 -40.85 13.24 2.46
C LYS A 70 -39.78 13.09 1.39
N TYR A 71 -38.57 12.70 1.81
CA TYR A 71 -37.56 12.27 0.85
C TYR A 71 -37.43 10.76 0.86
N PRO A 72 -37.55 10.12 -0.31
CA PRO A 72 -37.38 8.66 -0.35
C PRO A 72 -35.96 8.18 -0.10
N ILE A 73 -34.96 9.05 -0.26
CA ILE A 73 -33.56 8.63 -0.23
C ILE A 73 -32.87 9.29 0.95
N GLU A 74 -32.38 8.47 1.88
CA GLU A 74 -31.56 8.92 2.98
C GLU A 74 -30.12 8.47 2.83
N HIC A 75 -29.20 9.43 2.73
CA HIC A 75 -27.78 9.14 2.61
C HIC A 75 -27.43 8.23 1.44
O HIC A 75 -26.61 7.32 1.52
CB HIC A 75 -27.18 8.47 3.87
CG HIC A 75 -27.58 9.17 5.10
ND1 HIC A 75 -27.13 10.44 5.48
CD2 HIC A 75 -28.45 8.66 6.09
CE1 HIC A 75 -27.72 10.70 6.66
NE2 HIC A 75 -28.53 9.64 7.08
CZ HIC A 75 -29.30 9.57 8.26
N GLY A 76 -28.07 8.51 0.32
CA GLY A 76 -27.88 7.72 -0.88
C GLY A 76 -28.54 6.36 -0.93
N ILE A 77 -29.29 6.02 0.12
CA ILE A 77 -30.00 4.74 0.20
C ILE A 77 -31.49 5.03 0.03
N ILE A 78 -32.15 4.25 -0.83
CA ILE A 78 -33.57 4.38 -1.06
C ILE A 78 -34.30 3.71 0.10
N THR A 79 -34.96 4.53 0.94
CA THR A 79 -35.61 4.06 2.14
C THR A 79 -37.11 3.87 1.99
N ASN A 80 -37.71 4.34 0.90
CA ASN A 80 -39.14 4.12 0.66
C ASN A 80 -39.33 3.82 -0.82
N TRP A 81 -39.72 2.58 -1.12
CA TRP A 81 -39.87 2.17 -2.49
C TRP A 81 -41.21 2.58 -3.07
N ASP A 82 -42.23 2.66 -2.22
CA ASP A 82 -43.54 3.12 -2.69
C ASP A 82 -43.44 4.53 -3.27
N ASP A 83 -42.68 5.41 -2.61
CA ASP A 83 -42.43 6.75 -3.13
C ASP A 83 -41.34 6.78 -4.20
N MET A 84 -40.41 5.83 -4.21
CA MET A 84 -39.42 5.86 -5.26
C MET A 84 -39.98 5.39 -6.60
N GLU A 85 -40.91 4.44 -6.60
CA GLU A 85 -41.66 4.14 -7.82
C GLU A 85 -42.51 5.32 -8.29
N LYS A 86 -43.01 6.14 -7.37
CA LYS A 86 -43.69 7.37 -7.78
C LYS A 86 -42.73 8.36 -8.43
N ILE A 87 -41.51 8.46 -7.92
CA ILE A 87 -40.57 9.41 -8.49
C ILE A 87 -40.04 8.96 -9.84
N TRP A 88 -39.81 7.67 -10.03
CA TRP A 88 -39.48 7.20 -11.38
C TRP A 88 -40.66 7.30 -12.35
N HIS A 89 -41.87 6.93 -11.93
CA HIS A 89 -43.03 7.10 -12.79
C HIS A 89 -43.20 8.55 -13.21
N HIS A 90 -43.11 9.48 -12.25
CA HIS A 90 -43.22 10.90 -12.56
C HIS A 90 -42.08 11.40 -13.43
N THR A 91 -40.89 10.82 -13.28
CA THR A 91 -39.78 11.21 -14.16
C THR A 91 -40.06 10.82 -15.59
N PHE A 92 -40.38 9.56 -15.84
CA PHE A 92 -40.52 9.12 -17.23
C PHE A 92 -41.79 9.66 -17.88
N TYR A 93 -42.94 9.43 -17.26
CA TYR A 93 -44.20 9.76 -17.90
C TYR A 93 -44.55 11.26 -17.90
N ASN A 94 -44.48 11.91 -16.75
CA ASN A 94 -44.83 13.33 -16.68
C ASN A 94 -43.74 14.28 -17.18
N GLU A 95 -42.49 14.12 -16.74
CA GLU A 95 -41.47 15.10 -17.14
C GLU A 95 -40.78 14.80 -18.46
N LEU A 96 -40.32 13.57 -18.69
CA LEU A 96 -39.65 13.33 -19.96
C LEU A 96 -40.64 13.00 -21.08
N ARG A 97 -41.84 12.55 -20.73
CA ARG A 97 -42.85 12.09 -21.69
C ARG A 97 -42.31 10.96 -22.56
N VAL A 98 -41.74 9.96 -21.91
CA VAL A 98 -41.11 8.84 -22.58
C VAL A 98 -41.69 7.55 -22.05
N ALA A 99 -41.91 6.58 -22.92
CA ALA A 99 -42.19 5.22 -22.47
C ALA A 99 -40.87 4.50 -22.25
N PRO A 100 -40.58 4.04 -21.02
CA PRO A 100 -39.29 3.40 -20.77
C PRO A 100 -39.15 2.04 -21.44
N GLU A 101 -40.24 1.49 -21.98
CA GLU A 101 -40.18 0.25 -22.73
C GLU A 101 -39.19 0.32 -23.89
N GLU A 102 -38.99 1.50 -24.49
CA GLU A 102 -38.12 1.58 -25.66
C GLU A 102 -36.66 1.79 -25.30
N HIS A 103 -36.36 2.62 -24.30
CA HIS A 103 -35.02 3.16 -24.07
C HIS A 103 -34.32 2.44 -22.93
N PRO A 104 -33.08 2.00 -23.11
CA PRO A 104 -32.26 1.60 -21.96
C PRO A 104 -31.89 2.80 -21.10
N THR A 105 -31.58 2.50 -19.84
CA THR A 105 -31.36 3.53 -18.83
C THR A 105 -30.05 3.29 -18.10
N LEU A 106 -29.44 4.37 -17.64
CA LEU A 106 -28.17 4.35 -16.95
C LEU A 106 -28.33 5.01 -15.59
N LEU A 107 -27.90 4.31 -14.55
CA LEU A 107 -28.29 4.59 -13.17
C LEU A 107 -27.06 4.65 -12.29
N THR A 108 -27.18 5.33 -11.16
CA THR A 108 -26.01 5.87 -10.47
C THR A 108 -26.19 5.66 -8.97
N GLU A 109 -25.08 5.35 -8.28
CA GLU A 109 -25.06 5.16 -6.84
C GLU A 109 -23.81 5.79 -6.23
N ALA A 110 -23.83 5.88 -4.91
CA ALA A 110 -22.65 6.18 -4.11
C ALA A 110 -21.71 4.98 -4.03
N PRO A 111 -20.44 5.21 -3.67
CA PRO A 111 -19.43 4.14 -3.82
C PRO A 111 -19.63 2.92 -2.95
N LEU A 112 -20.00 3.07 -1.67
CA LEU A 112 -20.17 1.93 -0.79
C LEU A 112 -21.57 1.95 -0.21
N ASN A 113 -22.37 0.93 -0.54
CA ASN A 113 -23.81 1.01 -0.44
C ASN A 113 -24.34 -0.41 -0.33
N PRO A 114 -25.41 -0.64 0.44
CA PRO A 114 -25.97 -2.00 0.53
C PRO A 114 -26.22 -2.62 -0.83
N LYS A 115 -25.86 -3.90 -0.96
CA LYS A 115 -26.04 -4.60 -2.23
C LYS A 115 -27.52 -4.71 -2.61
N ALA A 116 -28.38 -4.91 -1.62
CA ALA A 116 -29.80 -5.01 -1.90
C ALA A 116 -30.37 -3.70 -2.43
N ASN A 117 -29.74 -2.56 -2.12
CA ASN A 117 -30.20 -1.30 -2.70
C ASN A 117 -30.04 -1.27 -4.21
N ARG A 118 -29.02 -1.95 -4.74
CA ARG A 118 -28.86 -2.11 -6.18
C ARG A 118 -29.74 -3.22 -6.74
N GLU A 119 -29.86 -4.33 -6.01
CA GLU A 119 -30.67 -5.44 -6.51
C GLU A 119 -32.15 -5.09 -6.59
N LYS A 120 -32.68 -4.39 -5.59
CA LYS A 120 -34.10 -4.03 -5.61
C LYS A 120 -34.39 -2.98 -6.68
N MET A 121 -33.53 -1.98 -6.80
CA MET A 121 -33.63 -1.03 -7.91
C MET A 121 -33.64 -1.73 -9.27
N THR A 122 -32.78 -2.73 -9.45
CA THR A 122 -32.77 -3.46 -10.72
C THR A 122 -34.05 -4.27 -10.91
N GLN A 123 -34.50 -4.94 -9.85
CA GLN A 123 -35.71 -5.74 -9.94
C GLN A 123 -36.90 -4.87 -10.32
N ILE A 124 -37.03 -3.71 -9.67
CA ILE A 124 -38.12 -2.79 -9.98
C ILE A 124 -38.02 -2.29 -11.41
N MET A 125 -36.81 -1.97 -11.86
CA MET A 125 -36.66 -1.41 -13.21
C MET A 125 -36.92 -2.41 -14.33
N PHE A 126 -36.64 -3.70 -14.10
CA PHE A 126 -37.15 -4.72 -15.03
C PHE A 126 -38.62 -5.13 -14.84
N GLU A 127 -39.12 -5.26 -13.62
CA GLU A 127 -40.49 -5.77 -13.42
C GLU A 127 -41.60 -4.73 -13.46
N THR A 128 -41.47 -3.61 -12.73
CA THR A 128 -42.55 -2.64 -12.67
C THR A 128 -42.51 -1.68 -13.83
N PHE A 129 -41.34 -1.52 -14.41
CA PHE A 129 -41.07 -0.76 -15.62
C PHE A 129 -40.33 -1.74 -16.50
N ASN A 130 -40.39 -1.56 -17.81
CA ASN A 130 -39.76 -2.51 -18.70
C ASN A 130 -38.72 -1.75 -19.49
N VAL A 131 -37.48 -2.24 -19.43
CA VAL A 131 -36.34 -1.49 -19.94
C VAL A 131 -35.45 -2.46 -20.70
N PRO A 132 -35.04 -2.15 -21.92
CA PRO A 132 -34.26 -3.12 -22.69
C PRO A 132 -32.97 -3.52 -22.00
N ALA A 133 -32.25 -2.55 -21.44
CA ALA A 133 -31.02 -2.84 -20.74
C ALA A 133 -30.72 -1.74 -19.74
N MET A 134 -29.88 -2.05 -18.76
CA MET A 134 -29.67 -1.17 -17.61
C MET A 134 -28.19 -1.23 -17.27
N TYR A 135 -27.72 -0.21 -16.55
CA TYR A 135 -26.42 -0.29 -15.91
C TYR A 135 -26.44 0.57 -14.66
N VAL A 136 -25.56 0.25 -13.71
CA VAL A 136 -25.32 1.06 -12.52
C VAL A 136 -23.87 1.53 -12.53
N ALA A 137 -23.67 2.82 -12.25
CA ALA A 137 -22.37 3.47 -12.35
C ALA A 137 -22.08 4.25 -11.07
N ILE A 138 -20.80 4.54 -10.85
CA ILE A 138 -20.32 5.24 -9.65
C ILE A 138 -20.19 6.72 -9.96
N GLN A 139 -20.67 7.55 -9.03
CA GLN A 139 -20.68 9.00 -9.19
C GLN A 139 -19.30 9.59 -9.47
N ALA A 140 -18.27 9.12 -8.78
CA ALA A 140 -16.92 9.67 -8.98
C ALA A 140 -16.35 9.37 -10.36
N VAL A 141 -16.56 8.16 -10.87
CA VAL A 141 -16.10 7.82 -12.21
C VAL A 141 -16.73 8.72 -13.26
N LEU A 142 -18.06 8.83 -13.23
CA LEU A 142 -18.75 9.73 -14.14
C LEU A 142 -18.26 11.16 -13.98
N SER A 143 -18.11 11.63 -12.73
CA SER A 143 -17.64 12.99 -12.50
C SER A 143 -16.27 13.22 -13.12
N LEU A 144 -15.42 12.20 -13.14
CA LEU A 144 -14.11 12.36 -13.77
C LEU A 144 -14.20 12.38 -15.29
N TYR A 145 -15.04 11.51 -15.86
CA TYR A 145 -15.30 11.61 -17.30
C TYR A 145 -15.84 12.98 -17.69
N ALA A 146 -16.62 13.62 -16.82
CA ALA A 146 -17.12 14.95 -17.14
C ALA A 146 -16.02 15.98 -17.24
N SER A 147 -14.93 15.81 -16.50
CA SER A 147 -13.79 16.69 -16.70
C SER A 147 -12.88 16.22 -17.83
N GLY A 148 -13.03 14.97 -18.26
CA GLY A 148 -12.18 14.42 -19.30
C GLY A 148 -10.82 13.93 -18.84
N ARG A 149 -10.47 14.16 -17.59
CA ARG A 149 -9.17 13.73 -17.09
C ARG A 149 -9.12 12.22 -16.95
N THR A 150 -7.92 11.66 -17.06
CA THR A 150 -7.70 10.25 -16.76
C THR A 150 -7.13 10.01 -15.38
N THR A 151 -6.58 11.03 -14.73
CA THR A 151 -5.94 10.89 -13.43
C THR A 151 -6.41 12.00 -12.52
N GLY A 152 -6.73 11.66 -11.29
CA GLY A 152 -7.04 12.64 -10.27
C GLY A 152 -7.77 11.99 -9.12
N ILE A 153 -7.90 12.75 -8.05
CA ILE A 153 -8.73 12.36 -6.93
C ILE A 153 -10.01 13.21 -6.98
N VAL A 154 -11.11 12.56 -7.29
CA VAL A 154 -12.42 13.19 -7.30
C VAL A 154 -12.90 13.37 -5.86
N LEU A 155 -13.49 14.53 -5.58
CA LEU A 155 -14.22 14.75 -4.35
C LEU A 155 -15.60 15.22 -4.72
N ASP A 156 -16.61 14.49 -4.29
CA ASP A 156 -17.98 14.68 -4.74
C ASP A 156 -18.87 14.78 -3.52
N SER A 157 -19.64 15.86 -3.43
CA SER A 157 -20.44 16.14 -2.26
C SER A 157 -21.83 16.53 -2.73
N GLY A 158 -22.82 15.72 -2.36
CA GLY A 158 -24.18 15.91 -2.75
C GLY A 158 -25.06 16.31 -1.59
N ASP A 159 -26.35 16.02 -1.73
CA ASP A 159 -27.27 16.29 -0.64
C ASP A 159 -27.04 15.32 0.51
N GLY A 160 -26.84 14.04 0.21
CA GLY A 160 -26.82 13.01 1.24
C GLY A 160 -25.47 12.42 1.60
N VAL A 161 -24.46 12.53 0.75
CA VAL A 161 -23.19 11.83 0.94
C VAL A 161 -22.05 12.71 0.44
N THR A 162 -20.89 12.54 1.07
CA THR A 162 -19.60 12.98 0.55
C THR A 162 -18.72 11.75 0.36
N HIS A 163 -18.12 11.61 -0.82
CA HIS A 163 -17.16 10.54 -1.05
C HIS A 163 -15.97 11.01 -1.88
N ASN A 164 -14.90 10.22 -1.79
CA ASN A 164 -13.65 10.41 -2.52
C ASN A 164 -13.32 9.10 -3.23
N VAL A 165 -12.92 9.19 -4.50
CA VAL A 165 -12.32 8.07 -5.20
C VAL A 165 -11.07 8.54 -5.95
N PRO A 166 -9.89 8.01 -5.65
CA PRO A 166 -8.74 8.23 -6.52
C PRO A 166 -8.79 7.40 -7.80
N ILE A 167 -8.37 8.00 -8.89
CA ILE A 167 -8.20 7.33 -10.18
C ILE A 167 -6.85 7.75 -10.75
N TYR A 168 -6.09 6.78 -11.26
CA TYR A 168 -4.77 7.06 -11.83
C TYR A 168 -4.65 6.40 -13.20
N GLU A 169 -4.37 7.22 -14.21
CA GLU A 169 -4.18 6.76 -15.59
C GLU A 169 -5.34 5.88 -16.08
N GLY A 170 -6.55 6.22 -15.64
CA GLY A 170 -7.72 5.45 -15.98
C GLY A 170 -7.86 4.13 -15.26
N TYR A 171 -6.89 3.75 -14.44
CA TYR A 171 -7.14 2.71 -13.45
C TYR A 171 -7.80 3.32 -12.23
N ALA A 172 -8.57 2.51 -11.53
CA ALA A 172 -9.38 2.97 -10.41
C ALA A 172 -9.12 2.07 -9.22
N LEU A 173 -9.17 2.65 -8.04
CA LEU A 173 -8.60 2.00 -6.86
C LEU A 173 -9.72 1.76 -5.86
N PRO A 174 -10.10 0.50 -5.63
CA PRO A 174 -11.22 0.23 -4.71
C PRO A 174 -10.84 0.45 -3.26
N HIS A 175 -9.56 0.34 -2.95
CA HIS A 175 -9.08 0.25 -1.57
C HIS A 175 -9.11 1.59 -0.86
N ALA A 176 -8.96 2.70 -1.59
CA ALA A 176 -8.81 4.01 -1.00
C ALA A 176 -10.08 4.86 -1.09
N ILE A 177 -11.20 4.26 -1.48
CA ILE A 177 -12.48 4.95 -1.41
C ILE A 177 -12.78 5.33 0.04
N MET A 178 -13.27 6.56 0.23
CA MET A 178 -13.73 7.05 1.52
C MET A 178 -15.11 7.67 1.36
N ARG A 179 -15.97 7.49 2.36
CA ARG A 179 -17.32 8.02 2.30
C ARG A 179 -17.66 8.64 3.65
N LEU A 180 -18.26 9.84 3.60
CA LEU A 180 -18.85 10.49 4.75
C LEU A 180 -20.34 10.69 4.56
N ASP A 181 -21.11 10.53 5.63
CA ASP A 181 -22.51 10.92 5.64
C ASP A 181 -22.73 12.37 6.05
N LEU A 182 -21.67 13.17 6.15
CA LEU A 182 -21.83 14.62 6.16
C LEU A 182 -22.38 15.10 4.83
N ALA A 183 -23.27 16.08 4.88
CA ALA A 183 -24.28 16.21 3.84
C ALA A 183 -24.67 17.67 3.63
N GLY A 184 -25.20 17.95 2.44
CA GLY A 184 -26.06 19.11 2.27
C GLY A 184 -27.21 19.18 3.24
N ARG A 185 -27.93 18.06 3.42
CA ARG A 185 -28.97 18.07 4.45
C ARG A 185 -28.37 18.38 5.82
N ASP A 186 -27.21 17.80 6.10
CA ASP A 186 -26.63 17.89 7.42
C ASP A 186 -26.07 19.27 7.68
N LEU A 187 -25.91 20.07 6.61
CA LEU A 187 -25.67 21.51 6.67
C LEU A 187 -26.95 22.33 6.82
N THR A 188 -28.04 21.90 6.16
CA THR A 188 -29.32 22.55 6.37
C THR A 188 -29.80 22.44 7.81
N ASP A 189 -29.75 21.22 8.37
CA ASP A 189 -30.20 21.01 9.74
C ASP A 189 -29.37 21.78 10.74
N TYR A 190 -28.07 21.96 10.47
CA TYR A 190 -27.27 22.84 11.31
C TYR A 190 -27.65 24.31 11.15
N LEU A 191 -27.91 24.75 9.91
CA LEU A 191 -28.30 26.14 9.70
C LEU A 191 -29.63 26.49 10.36
N MET A 192 -30.57 25.55 10.42
CA MET A 192 -31.79 25.75 11.20
C MET A 192 -31.50 26.05 12.66
N LYS A 193 -30.61 25.28 13.26
CA LYS A 193 -30.23 25.50 14.66
C LYS A 193 -29.52 26.83 14.82
N ILE A 194 -28.57 27.11 13.94
CA ILE A 194 -27.74 28.30 14.14
C ILE A 194 -28.57 29.56 13.90
N LEU A 195 -29.53 29.51 12.96
CA LEU A 195 -30.49 30.59 12.78
C LEU A 195 -31.34 30.80 14.03
N THR A 196 -31.69 29.72 14.73
CA THR A 196 -32.48 29.86 15.96
C THR A 196 -31.82 30.80 16.96
N GLU A 197 -30.48 30.88 16.97
CA GLU A 197 -29.78 31.86 17.80
C GLU A 197 -30.23 33.30 17.58
N ARG A 198 -30.74 33.64 16.40
CA ARG A 198 -31.30 34.96 16.17
C ARG A 198 -32.80 35.03 16.46
N GLY A 199 -33.44 33.91 16.76
CA GLY A 199 -34.85 33.86 17.03
C GLY A 199 -35.72 33.51 15.85
N TYR A 200 -35.15 33.07 14.74
CA TYR A 200 -35.93 32.56 13.62
C TYR A 200 -36.02 31.05 13.77
N SER A 201 -37.21 30.54 14.05
CA SER A 201 -37.39 29.12 14.25
C SER A 201 -38.05 28.52 13.01
N PHE A 202 -37.38 27.54 12.40
CA PHE A 202 -37.89 26.85 11.22
C PHE A 202 -38.13 25.38 11.58
N VAL A 203 -39.39 25.00 11.74
CA VAL A 203 -39.74 23.72 12.36
C VAL A 203 -40.12 22.70 11.30
N THR A 204 -41.04 23.06 10.43
CA THR A 204 -41.66 22.13 9.49
C THR A 204 -40.72 21.84 8.32
N THR A 205 -41.05 20.80 7.56
CA THR A 205 -40.30 20.48 6.35
C THR A 205 -40.45 21.57 5.29
N ALA A 206 -41.61 22.22 5.23
CA ALA A 206 -41.76 23.35 4.33
C ALA A 206 -40.88 24.52 4.74
N GLU A 207 -40.68 24.73 6.05
CA GLU A 207 -39.69 25.73 6.45
C GLU A 207 -38.26 25.25 6.18
N ARG A 208 -38.01 23.94 6.28
CA ARG A 208 -36.70 23.41 5.94
C ARG A 208 -36.33 23.72 4.49
N GLU A 209 -37.31 23.72 3.60
CA GLU A 209 -37.07 24.16 2.23
C GLU A 209 -36.73 25.66 2.13
N ILE A 210 -37.24 26.48 3.04
CA ILE A 210 -36.84 27.87 3.10
C ILE A 210 -35.40 28.01 3.60
N VAL A 211 -35.04 27.24 4.62
CA VAL A 211 -33.66 27.30 5.10
C VAL A 211 -32.67 26.78 4.05
N ARG A 212 -33.06 25.76 3.28
CA ARG A 212 -32.24 25.32 2.15
C ARG A 212 -32.04 26.43 1.14
N ASP A 213 -33.11 27.13 0.76
CA ASP A 213 -32.95 28.23 -0.19
C ASP A 213 -32.16 29.41 0.39
N ILE A 214 -32.27 29.64 1.71
CA ILE A 214 -31.45 30.65 2.36
C ILE A 214 -29.98 30.33 2.28
N LYS A 215 -29.60 29.08 2.53
CA LYS A 215 -28.18 28.77 2.47
C LYS A 215 -27.68 28.76 1.02
N GLU A 216 -28.50 28.33 0.08
CA GLU A 216 -28.14 28.35 -1.32
C GLU A 216 -27.91 29.76 -1.87
N LYS A 217 -28.75 30.72 -1.47
CA LYS A 217 -28.46 32.11 -1.84
C LYS A 217 -27.30 32.73 -1.04
N LEU A 218 -27.25 32.53 0.28
CA LEU A 218 -26.43 33.43 1.09
C LEU A 218 -25.14 32.83 1.64
N CYS A 219 -25.02 31.52 1.83
CA CYS A 219 -23.85 31.02 2.53
C CYS A 219 -22.61 30.98 1.63
N TYR A 220 -21.44 31.11 2.28
CA TYR A 220 -20.15 31.05 1.60
C TYR A 220 -19.11 30.51 2.58
N VAL A 221 -18.00 30.03 2.03
CA VAL A 221 -16.91 29.48 2.84
C VAL A 221 -15.94 30.58 3.21
N ALA A 222 -15.86 30.89 4.51
CA ALA A 222 -14.89 31.83 5.03
C ALA A 222 -13.46 31.36 4.81
N LEU A 223 -12.65 32.19 4.13
CA LEU A 223 -11.30 31.78 3.74
C LEU A 223 -10.42 31.51 4.96
N ASP A 224 -10.32 32.47 5.86
CA ASP A 224 -9.81 32.25 7.21
C ASP A 224 -10.96 32.47 8.19
N PHE A 225 -11.32 31.41 8.92
CA PHE A 225 -12.53 31.45 9.73
C PHE A 225 -12.39 32.35 10.95
N GLU A 226 -11.25 32.29 11.63
CA GLU A 226 -11.13 32.96 12.93
C GLU A 226 -11.06 34.47 12.79
N ASN A 227 -10.38 34.96 11.75
CA ASN A 227 -10.37 36.40 11.49
C ASN A 227 -11.72 36.92 11.03
N GLU A 228 -12.44 36.14 10.22
CA GLU A 228 -13.75 36.59 9.77
C GLU A 228 -14.78 36.54 10.89
N MET A 229 -14.68 35.56 11.79
CA MET A 229 -15.43 35.60 13.04
C MET A 229 -15.12 36.85 13.87
N ALA A 230 -13.84 37.22 13.97
CA ALA A 230 -13.49 38.42 14.72
C ALA A 230 -14.06 39.68 14.08
N THR A 231 -13.90 39.82 12.77
CA THR A 231 -14.37 41.02 12.07
C THR A 231 -15.89 41.09 11.94
N ALA A 232 -16.56 39.94 11.85
CA ALA A 232 -18.03 39.95 11.79
C ALA A 232 -18.65 40.49 13.06
N ALA A 233 -18.04 40.23 14.22
CA ALA A 233 -18.55 40.82 15.46
C ALA A 233 -18.41 42.34 15.44
N SER A 234 -17.28 42.84 14.95
CA SER A 234 -17.05 44.28 14.95
C SER A 234 -17.88 45.00 13.89
N SER A 235 -17.88 44.50 12.66
CA SER A 235 -18.54 45.17 11.54
C SER A 235 -19.82 44.45 11.13
N SER A 236 -20.91 45.21 11.05
CA SER A 236 -22.17 44.79 10.43
C SER A 236 -22.09 44.67 8.91
N SER A 237 -20.97 45.02 8.30
CA SER A 237 -20.84 44.96 6.83
C SER A 237 -21.08 43.57 6.27
N LEU A 238 -20.72 42.52 7.00
CA LEU A 238 -21.04 41.16 6.56
C LEU A 238 -22.53 40.87 6.58
N GLU A 239 -23.29 41.49 7.48
CA GLU A 239 -24.70 41.16 7.63
C GLU A 239 -25.48 41.48 6.36
N LYS A 240 -26.36 40.56 5.97
CA LYS A 240 -27.07 40.62 4.70
C LYS A 240 -28.50 40.15 4.91
N SER A 241 -29.38 40.59 4.02
CA SER A 241 -30.83 40.52 4.20
C SER A 241 -31.44 39.46 3.29
N TYR A 242 -32.43 38.74 3.82
CA TYR A 242 -33.22 37.80 3.05
C TYR A 242 -34.69 38.10 3.28
N GLU A 243 -35.49 38.04 2.21
CA GLU A 243 -36.93 38.30 2.26
C GLU A 243 -37.72 37.01 2.08
N LEU A 244 -38.58 36.71 3.05
CA LEU A 244 -39.27 35.44 3.14
C LEU A 244 -40.35 35.34 2.07
N PRO A 245 -40.94 34.15 1.89
CA PRO A 245 -42.08 34.01 0.96
C PRO A 245 -43.20 35.03 1.14
N ASP A 246 -43.52 35.40 2.39
CA ASP A 246 -44.59 36.35 2.66
C ASP A 246 -44.10 37.80 2.83
N GLY A 247 -42.89 38.10 2.37
CA GLY A 247 -42.39 39.46 2.38
C GLY A 247 -41.91 39.98 3.71
N GLN A 248 -41.94 39.17 4.77
CA GLN A 248 -41.17 39.51 5.95
C GLN A 248 -39.68 39.40 5.63
N VAL A 249 -38.85 40.01 6.45
CA VAL A 249 -37.42 40.11 6.15
C VAL A 249 -36.58 39.61 7.31
N ILE A 250 -35.43 39.05 6.95
CA ILE A 250 -34.53 38.33 7.83
C ILE A 250 -33.14 38.92 7.64
N THR A 251 -32.37 39.04 8.71
CA THR A 251 -31.00 39.52 8.61
C THR A 251 -30.07 38.54 9.29
N ILE A 252 -28.99 38.18 8.60
CA ILE A 252 -28.16 37.02 8.92
C ILE A 252 -26.71 37.47 8.95
N GLY A 253 -26.00 37.13 10.02
CA GLY A 253 -24.63 37.58 10.17
C GLY A 253 -23.59 36.51 10.03
N ASN A 254 -22.87 36.21 11.12
CA ASN A 254 -21.82 35.20 11.07
C ASN A 254 -22.32 33.79 10.78
N GLU A 255 -23.63 33.52 10.93
CA GLU A 255 -24.18 32.24 10.51
C GLU A 255 -23.89 31.96 9.04
N ARG A 256 -23.77 33.02 8.25
CA ARG A 256 -23.64 32.92 6.79
C ARG A 256 -22.40 32.15 6.36
N PHE A 257 -21.24 32.45 6.94
CA PHE A 257 -20.08 31.57 6.78
C PHE A 257 -19.98 30.45 7.80
N ARG A 258 -20.46 30.63 9.03
CA ARG A 258 -20.34 29.58 10.04
C ARG A 258 -20.98 28.26 9.59
N CYS A 259 -22.04 28.32 8.77
CA CYS A 259 -22.66 27.07 8.34
C CYS A 259 -21.74 26.22 7.44
N PRO A 260 -21.22 26.71 6.32
CA PRO A 260 -20.24 25.90 5.55
C PRO A 260 -18.97 25.52 6.30
N GLU A 261 -18.62 26.20 7.40
CA GLU A 261 -17.49 25.76 8.22
C GLU A 261 -17.61 24.32 8.72
N THR A 262 -18.83 23.84 8.97
CA THR A 262 -19.04 22.47 9.42
C THR A 262 -18.40 21.41 8.52
N LEU A 263 -18.25 21.70 7.22
CA LEU A 263 -17.61 20.72 6.34
C LEU A 263 -16.13 20.57 6.65
N PHE A 264 -15.47 21.67 6.98
CA PHE A 264 -14.09 21.66 7.42
C PHE A 264 -13.93 21.20 8.87
N GLN A 265 -14.89 21.47 9.73
CA GLN A 265 -14.85 21.08 11.13
C GLN A 265 -16.16 20.42 11.55
N PRO A 266 -16.36 19.16 11.19
CA PRO A 266 -17.62 18.47 11.53
C PRO A 266 -17.90 18.36 13.02
N SER A 267 -16.94 18.67 13.88
CA SER A 267 -17.22 18.74 15.31
C SER A 267 -18.27 19.80 15.63
N PHE A 268 -18.49 20.77 14.74
CA PHE A 268 -19.57 21.73 14.95
C PHE A 268 -20.94 21.06 14.96
N ILE A 269 -21.22 20.22 13.97
CA ILE A 269 -22.44 19.41 14.00
C ILE A 269 -22.36 18.30 15.02
N GLY A 270 -21.17 17.87 15.38
CA GLY A 270 -20.98 16.89 16.42
C GLY A 270 -20.44 15.55 16.00
N MET A 271 -19.87 15.45 14.81
CA MET A 271 -19.35 14.19 14.29
C MET A 271 -17.88 14.03 14.67
N GLU A 272 -17.45 12.78 14.79
CA GLU A 272 -16.04 12.46 14.57
C GLU A 272 -15.83 12.34 13.07
N SER A 273 -15.12 13.30 12.50
CA SER A 273 -14.62 13.14 11.14
C SER A 273 -13.48 14.11 10.90
N ALA A 274 -12.59 13.72 10.00
CA ALA A 274 -11.79 14.69 9.27
C ALA A 274 -12.69 15.61 8.44
N GLY A 275 -12.22 16.83 8.22
CA GLY A 275 -12.86 17.68 7.24
C GLY A 275 -12.68 17.08 5.85
N ILE A 276 -13.30 17.74 4.86
CA ILE A 276 -13.08 17.28 3.48
C ILE A 276 -11.61 17.46 3.06
N HIS A 277 -10.92 18.43 3.63
CA HIS A 277 -9.49 18.59 3.32
C HIS A 277 -8.65 17.47 3.92
N GLU A 278 -8.87 17.16 5.20
CA GLU A 278 -8.08 16.11 5.82
C GLU A 278 -8.46 14.73 5.32
N THR A 279 -9.73 14.53 4.93
CA THR A 279 -10.11 13.30 4.25
C THR A 279 -9.46 13.16 2.88
N THR A 280 -9.31 14.27 2.15
CA THR A 280 -8.65 14.20 0.86
C THR A 280 -7.17 13.92 1.01
N TYR A 281 -6.51 14.61 1.93
CA TYR A 281 -5.09 14.36 2.19
C TYR A 281 -4.83 12.94 2.67
N ASN A 282 -5.67 12.44 3.58
CA ASN A 282 -5.50 11.06 4.04
C ASN A 282 -5.76 10.04 2.93
N SER A 283 -6.69 10.33 2.02
CA SER A 283 -6.91 9.41 0.90
C SER A 283 -5.75 9.42 -0.07
N ILE A 284 -5.17 10.60 -0.32
CA ILE A 284 -3.94 10.67 -1.11
C ILE A 284 -2.82 9.86 -0.46
N MET A 285 -2.61 10.06 0.84
CA MET A 285 -1.56 9.34 1.56
C MET A 285 -1.76 7.83 1.59
N LYS A 286 -3.00 7.35 1.56
CA LYS A 286 -3.18 5.91 1.37
C LYS A 286 -2.78 5.41 -0.02
N CYS A 287 -2.50 6.29 -0.97
CA CYS A 287 -2.04 5.87 -2.29
C CYS A 287 -0.51 5.81 -2.33
N ASP A 288 0.01 4.99 -3.25
CA ASP A 288 1.44 4.76 -3.33
C ASP A 288 2.19 6.02 -3.77
N ILE A 289 3.40 6.17 -3.24
CA ILE A 289 4.09 7.46 -3.24
C ILE A 289 4.28 8.02 -4.64
N ASP A 290 4.34 7.16 -5.66
CA ASP A 290 4.47 7.63 -7.03
C ASP A 290 3.19 8.29 -7.53
N ILE A 291 2.05 7.70 -7.19
CA ILE A 291 0.74 8.25 -7.55
C ILE A 291 0.54 9.65 -6.94
N ARG A 292 1.04 9.84 -5.72
CA ARG A 292 0.63 10.98 -4.90
C ARG A 292 0.94 12.34 -5.51
N LYS A 293 2.07 12.49 -6.20
CA LYS A 293 2.33 13.74 -6.92
C LYS A 293 1.28 14.01 -7.99
N ASP A 294 0.90 12.98 -8.73
CA ASP A 294 -0.04 13.17 -9.84
C ASP A 294 -1.45 13.39 -9.32
N LEU A 295 -1.79 12.83 -8.16
CA LEU A 295 -3.05 13.22 -7.52
C LEU A 295 -3.01 14.64 -6.98
N TYR A 296 -1.92 15.05 -6.32
CA TYR A 296 -1.84 16.44 -5.88
C TYR A 296 -2.00 17.41 -7.04
N ALA A 297 -1.54 17.02 -8.23
CA ALA A 297 -1.76 17.82 -9.43
C ALA A 297 -3.21 17.87 -9.90
N ASN A 298 -4.09 16.98 -9.42
CA ASN A 298 -5.50 17.04 -9.80
C ASN A 298 -6.39 16.76 -8.61
N ASN A 299 -7.19 17.74 -8.23
CA ASN A 299 -8.31 17.53 -7.32
C ASN A 299 -9.56 18.15 -7.94
N VAL A 300 -10.64 17.39 -7.97
CA VAL A 300 -11.80 17.67 -8.82
C VAL A 300 -13.04 17.63 -7.95
N MET A 301 -13.94 18.59 -8.16
CA MET A 301 -15.04 18.86 -7.25
C MET A 301 -16.35 18.78 -8.02
N SER A 302 -17.30 18.03 -7.49
CA SER A 302 -18.56 17.78 -8.18
C SER A 302 -19.70 17.76 -7.18
N GLY A 303 -20.86 18.22 -7.62
CA GLY A 303 -22.07 18.26 -6.81
C GLY A 303 -22.23 19.56 -6.06
N GLY A 304 -23.47 19.81 -5.65
CA GLY A 304 -23.86 21.16 -5.25
C GLY A 304 -23.17 21.66 -4.00
N THR A 305 -22.92 20.78 -3.04
CA THR A 305 -22.28 21.22 -1.80
C THR A 305 -20.89 21.80 -2.05
N THR A 306 -20.25 21.40 -3.15
CA THR A 306 -19.01 22.04 -3.59
C THR A 306 -19.20 23.50 -3.99
N MET A 307 -20.41 23.95 -4.28
CA MET A 307 -20.57 25.22 -4.98
C MET A 307 -20.50 26.47 -4.10
N TYR A 308 -20.30 26.35 -2.79
CA TYR A 308 -20.19 27.55 -1.97
C TYR A 308 -19.03 28.42 -2.46
N PRO A 309 -19.20 29.74 -2.54
CA PRO A 309 -18.09 30.66 -2.82
C PRO A 309 -16.88 30.46 -1.92
N GLY A 310 -15.69 30.41 -2.54
CA GLY A 310 -14.44 30.28 -1.82
C GLY A 310 -14.10 28.91 -1.32
N ILE A 311 -14.89 27.90 -1.70
CA ILE A 311 -14.64 26.53 -1.26
C ILE A 311 -13.28 26.06 -1.72
N ALA A 312 -12.97 26.25 -3.01
CA ALA A 312 -11.70 25.78 -3.54
C ALA A 312 -10.51 26.59 -3.02
N ASP A 313 -10.70 27.90 -2.84
CA ASP A 313 -9.62 28.71 -2.26
C ASP A 313 -9.28 28.27 -0.84
N ARG A 314 -10.29 27.96 -0.03
CA ARG A 314 -9.98 27.42 1.30
C ARG A 314 -9.39 26.03 1.20
N MET A 315 -9.95 25.17 0.34
CA MET A 315 -9.48 23.80 0.25
C MET A 315 -8.00 23.77 -0.12
N GLN A 316 -7.62 24.60 -1.10
CA GLN A 316 -6.22 24.72 -1.48
C GLN A 316 -5.36 25.30 -0.37
N LYS A 317 -5.87 26.31 0.34
CA LYS A 317 -5.09 26.89 1.44
C LYS A 317 -4.83 25.89 2.56
N GLU A 318 -5.79 25.02 2.85
CA GLU A 318 -5.57 23.99 3.87
C GLU A 318 -4.79 22.78 3.39
N ILE A 319 -4.97 22.34 2.14
CA ILE A 319 -4.14 21.25 1.62
C ILE A 319 -2.69 21.68 1.47
N THR A 320 -2.43 22.90 0.98
CA THR A 320 -1.06 23.38 0.87
C THR A 320 -0.33 23.35 2.20
N ALA A 321 -1.05 23.58 3.31
CA ALA A 321 -0.43 23.49 4.63
C ALA A 321 -0.18 22.06 5.10
N LEU A 322 -0.90 21.08 4.55
CA LEU A 322 -0.65 19.69 4.92
C LEU A 322 0.44 19.04 4.07
N ALA A 323 0.40 19.25 2.75
CA ALA A 323 1.31 18.58 1.85
C ALA A 323 2.74 19.09 2.00
N PRO A 324 3.73 18.28 1.62
CA PRO A 324 5.09 18.79 1.46
C PRO A 324 5.15 20.02 0.55
N SER A 325 5.91 21.01 0.99
CA SER A 325 5.87 22.35 0.40
C SER A 325 6.41 22.40 -1.03
N THR A 326 7.08 21.36 -1.50
CA THR A 326 7.60 21.34 -2.87
C THR A 326 6.57 20.86 -3.88
N MET A 327 5.38 20.49 -3.43
CA MET A 327 4.32 20.05 -4.34
C MET A 327 3.59 21.23 -4.93
N LYS A 328 3.34 21.17 -6.23
CA LYS A 328 2.26 21.96 -6.83
C LYS A 328 0.94 21.30 -6.48
N ILE A 329 0.03 22.06 -5.88
CA ILE A 329 -1.26 21.55 -5.45
C ILE A 329 -2.35 22.33 -6.18
N LYS A 330 -3.20 21.61 -6.90
CA LYS A 330 -4.08 22.20 -7.89
C LYS A 330 -5.47 21.63 -7.67
N ILE A 331 -6.46 22.51 -7.61
CA ILE A 331 -7.85 22.14 -7.35
C ILE A 331 -8.70 22.75 -8.44
N ILE A 332 -9.66 21.98 -8.92
CA ILE A 332 -10.28 22.22 -10.22
C ILE A 332 -11.79 22.29 -10.01
N ALA A 333 -12.38 23.41 -10.40
CA ALA A 333 -13.82 23.52 -10.38
C ALA A 333 -14.27 24.20 -11.66
N PRO A 334 -15.05 23.52 -12.49
CA PRO A 334 -15.92 24.21 -13.44
C PRO A 334 -17.05 24.91 -12.71
N PRO A 335 -17.77 25.81 -13.38
CA PRO A 335 -19.02 26.28 -12.79
C PRO A 335 -20.14 25.25 -12.86
N GLU A 336 -19.99 24.24 -13.70
CA GLU A 336 -21.01 23.25 -14.03
C GLU A 336 -21.14 22.12 -13.00
N ARG A 337 -20.38 22.19 -11.90
CA ARG A 337 -20.14 21.03 -11.04
C ARG A 337 -21.39 20.24 -10.65
N LYS A 338 -22.52 20.93 -10.40
CA LYS A 338 -23.72 20.20 -9.97
C LYS A 338 -24.22 19.22 -11.03
N TYR A 339 -23.95 19.46 -12.30
CA TYR A 339 -24.37 18.54 -13.36
C TYR A 339 -23.28 17.55 -13.77
N SER A 340 -22.09 17.67 -13.18
CA SER A 340 -20.91 16.91 -13.62
C SER A 340 -21.12 15.41 -13.68
N VAL A 341 -21.74 14.83 -12.64
CA VAL A 341 -22.04 13.39 -12.67
C VAL A 341 -22.96 13.03 -13.82
N TRP A 342 -24.02 13.82 -14.05
CA TRP A 342 -24.91 13.50 -15.15
C TRP A 342 -24.21 13.62 -16.50
N ILE A 343 -23.40 14.67 -16.67
CA ILE A 343 -22.63 14.84 -17.91
C ILE A 343 -21.68 13.67 -18.15
N GLY A 344 -21.03 13.20 -17.08
CA GLY A 344 -20.20 12.02 -17.20
C GLY A 344 -20.96 10.78 -17.60
N GLY A 345 -22.18 10.62 -17.06
CA GLY A 345 -22.99 9.50 -17.49
C GLY A 345 -23.48 9.64 -18.92
N SER A 346 -23.77 10.86 -19.35
CA SER A 346 -24.13 11.12 -20.74
C SER A 346 -23.00 10.71 -21.69
N ILE A 347 -21.78 11.12 -21.35
CA ILE A 347 -20.61 10.74 -22.14
C ILE A 347 -20.45 9.23 -22.17
N LEU A 348 -20.47 8.60 -20.99
CA LEU A 348 -20.21 7.17 -20.92
C LEU A 348 -21.26 6.38 -21.70
N ALA A 349 -22.54 6.77 -21.57
CA ALA A 349 -23.59 6.09 -22.30
C ALA A 349 -23.45 6.28 -23.80
N SER A 350 -23.02 7.48 -24.23
CA SER A 350 -22.86 7.73 -25.65
C SER A 350 -21.68 6.95 -26.22
N LEU A 351 -20.64 6.73 -25.42
CA LEU A 351 -19.41 6.10 -25.90
C LEU A 351 -19.69 4.69 -26.40
N SER A 352 -19.36 4.44 -27.67
CA SER A 352 -19.61 3.15 -28.30
C SER A 352 -18.88 2.00 -27.58
N THR A 353 -17.71 2.29 -27.00
CA THR A 353 -16.98 1.28 -26.24
C THR A 353 -17.83 0.70 -25.11
N PHE A 354 -18.74 1.50 -24.56
CA PHE A 354 -19.52 1.07 -23.40
C PHE A 354 -20.58 0.04 -23.78
N GLN A 355 -21.01 0.01 -25.04
CA GLN A 355 -22.32 -0.52 -25.41
C GLN A 355 -22.47 -2.01 -25.10
N GLN A 356 -21.37 -2.73 -24.91
CA GLN A 356 -21.45 -4.13 -24.52
C GLN A 356 -21.73 -4.31 -23.02
N MET A 357 -21.56 -3.26 -22.23
CA MET A 357 -21.65 -3.33 -20.78
C MET A 357 -23.08 -3.36 -20.26
N TRP A 358 -24.05 -2.89 -21.06
CA TRP A 358 -25.45 -3.00 -20.71
C TRP A 358 -25.84 -4.42 -20.35
N ILE A 359 -26.63 -4.56 -19.28
CA ILE A 359 -27.26 -5.82 -18.90
C ILE A 359 -28.58 -5.94 -19.66
N THR A 360 -28.69 -6.95 -20.52
CA THR A 360 -29.94 -7.15 -21.23
C THR A 360 -30.97 -7.79 -20.30
N LYS A 361 -32.24 -7.43 -20.48
CA LYS A 361 -33.30 -7.96 -19.63
C LYS A 361 -33.33 -9.49 -19.61
N GLN A 362 -33.17 -10.14 -20.77
CA GLN A 362 -33.07 -11.59 -20.82
C GLN A 362 -31.89 -12.12 -20.00
N GLU A 363 -30.74 -11.48 -20.14
CA GLU A 363 -29.55 -11.88 -19.39
C GLU A 363 -29.74 -11.70 -17.88
N TYR A 364 -30.46 -10.67 -17.46
CA TYR A 364 -30.88 -10.59 -16.06
C TYR A 364 -31.84 -11.71 -15.71
N ASP A 365 -32.76 -12.04 -16.62
CA ASP A 365 -33.81 -13.00 -16.31
C ASP A 365 -33.21 -14.37 -16.01
N GLU A 366 -32.26 -14.79 -16.84
CA GLU A 366 -31.54 -16.04 -16.60
C GLU A 366 -30.55 -15.93 -15.44
N ALA A 367 -29.77 -14.86 -15.35
CA ALA A 367 -28.71 -14.79 -14.34
C ALA A 367 -29.22 -14.58 -12.92
N GLY A 368 -30.34 -13.87 -12.75
CA GLY A 368 -30.80 -13.45 -11.45
C GLY A 368 -30.05 -12.24 -10.94
N PRO A 369 -30.55 -11.66 -9.84
CA PRO A 369 -30.17 -10.28 -9.49
C PRO A 369 -28.68 -10.05 -9.27
N SER A 370 -27.92 -11.08 -8.89
CA SER A 370 -26.51 -10.88 -8.56
C SER A 370 -25.70 -10.24 -9.68
N ILE A 371 -26.10 -10.47 -10.94
CA ILE A 371 -25.32 -10.02 -12.09
C ILE A 371 -25.03 -8.53 -12.05
N VAL A 372 -25.91 -7.73 -11.45
CA VAL A 372 -25.76 -6.27 -11.39
C VAL A 372 -24.43 -5.83 -10.79
N HIS A 373 -23.84 -6.62 -9.88
CA HIS A 373 -22.66 -6.15 -9.20
C HIS A 373 -21.37 -6.24 -10.00
N ARG A 374 -21.39 -6.88 -11.18
CA ARG A 374 -20.18 -6.94 -11.99
C ARG A 374 -19.68 -5.53 -12.35
N LYS A 375 -18.36 -5.34 -12.29
CA LYS A 375 -17.76 -4.01 -12.25
C LYS A 375 -16.96 -3.78 -13.53
N CYS A 376 -17.14 -2.63 -14.15
CA CYS A 376 -16.71 -2.50 -15.54
C CYS A 376 -16.26 -1.08 -15.86
N PHE A 377 -15.24 -1.01 -16.72
CA PHE A 377 -14.77 0.22 -17.38
C PHE A 377 -14.57 -0.05 -18.87
N THR B 7 14.72 -7.78 44.48
CA THR B 7 13.66 -8.76 44.74
C THR B 7 13.24 -9.45 43.45
N THR B 8 12.30 -8.83 42.74
CA THR B 8 11.61 -9.48 41.63
C THR B 8 11.30 -8.42 40.58
N ALA B 9 11.00 -8.89 39.37
CA ALA B 9 11.17 -8.08 38.18
C ALA B 9 9.86 -8.02 37.40
N LEU B 10 9.45 -6.82 37.04
CA LEU B 10 8.24 -6.63 36.26
C LEU B 10 8.50 -7.05 34.83
N VAL B 11 7.50 -7.65 34.20
CA VAL B 11 7.58 -8.07 32.81
C VAL B 11 6.40 -7.46 32.09
N CYS B 12 6.68 -6.69 31.04
CA CYS B 12 5.70 -5.85 30.39
C CYS B 12 5.75 -6.16 28.90
N ASP B 13 4.60 -6.45 28.32
CA ASP B 13 4.47 -6.64 26.89
C ASP B 13 3.36 -5.71 26.44
N ASN B 14 3.71 -4.71 25.64
CA ASN B 14 2.78 -3.68 25.24
C ASN B 14 2.84 -3.54 23.73
N GLY B 15 1.68 -3.61 23.12
CA GLY B 15 1.57 -3.64 21.68
C GLY B 15 0.50 -2.69 21.21
N SER B 16 0.18 -2.75 19.93
CA SER B 16 -0.79 -1.86 19.34
C SER B 16 -2.21 -2.17 19.78
N GLY B 17 -2.46 -3.36 20.32
CA GLY B 17 -3.81 -3.72 20.70
C GLY B 17 -4.07 -3.93 22.18
N LEU B 18 -3.03 -4.16 22.98
CA LEU B 18 -3.22 -4.46 24.39
C LEU B 18 -1.96 -4.05 25.15
N VAL B 19 -2.10 -3.92 26.47
CA VAL B 19 -0.98 -4.08 27.40
C VAL B 19 -1.16 -5.39 28.15
N LYS B 20 -0.08 -6.16 28.24
CA LYS B 20 -0.01 -7.35 29.08
C LYS B 20 1.15 -7.18 30.06
N ALA B 21 0.85 -6.99 31.34
CA ALA B 21 1.88 -6.71 32.33
C ALA B 21 1.62 -7.53 33.59
N GLY B 22 2.67 -7.67 34.38
CA GLY B 22 2.62 -8.57 35.51
C GLY B 22 3.99 -8.76 36.12
N PHE B 23 4.16 -9.88 36.82
CA PHE B 23 5.40 -10.18 37.53
C PHE B 23 6.05 -11.43 36.98
N ALA B 24 7.38 -11.44 36.99
CA ALA B 24 8.13 -12.61 36.56
C ALA B 24 7.79 -13.81 37.43
N GLY B 25 7.59 -14.96 36.78
CA GLY B 25 7.30 -16.20 37.47
C GLY B 25 5.84 -16.46 37.77
N ASP B 26 4.96 -15.49 37.57
CA ASP B 26 3.53 -15.77 37.54
C ASP B 26 3.17 -16.60 36.30
N ASP B 27 2.04 -17.30 36.39
CA ASP B 27 1.58 -18.12 35.29
C ASP B 27 0.93 -17.32 34.18
N ALA B 28 0.49 -16.09 34.44
CA ALA B 28 -0.25 -15.31 33.46
C ALA B 28 -0.14 -13.84 33.86
N PRO B 29 -0.47 -12.92 32.94
CA PRO B 29 -0.47 -11.50 33.30
C PRO B 29 -1.46 -11.20 34.42
N ARG B 30 -1.18 -10.13 35.15
CA ARG B 30 -2.15 -9.63 36.12
C ARG B 30 -3.06 -8.56 35.53
N ALA B 31 -2.51 -7.67 34.71
CA ALA B 31 -3.29 -6.65 34.02
C ALA B 31 -3.29 -6.94 32.53
N VAL B 32 -4.47 -7.01 31.94
CA VAL B 32 -4.64 -6.91 30.48
C VAL B 32 -5.73 -5.90 30.22
N PHE B 33 -5.41 -4.88 29.43
CA PHE B 33 -6.37 -3.82 29.13
C PHE B 33 -6.03 -3.21 27.77
N PRO B 34 -7.02 -2.69 27.05
CA PRO B 34 -6.73 -2.03 25.78
C PRO B 34 -5.68 -0.94 25.91
N SER B 35 -4.84 -0.82 24.88
CA SER B 35 -3.90 0.29 24.74
C SER B 35 -4.60 1.51 24.14
N ILE B 36 -5.48 2.12 24.93
CA ILE B 36 -6.35 3.19 24.47
C ILE B 36 -6.31 4.35 25.45
N VAL B 37 -6.28 5.57 24.93
CA VAL B 37 -6.58 6.78 25.69
C VAL B 37 -7.74 7.50 25.02
N GLY B 38 -8.71 7.93 25.83
CA GLY B 38 -9.91 8.58 25.34
C GLY B 38 -10.05 9.97 25.91
N ARG B 39 -10.44 10.92 25.05
CA ARG B 39 -10.70 12.29 25.45
C ARG B 39 -12.18 12.63 25.27
N PRO B 40 -12.74 13.47 26.13
CA PRO B 40 -14.12 13.94 25.94
C PRO B 40 -14.32 14.58 24.58
N ARG B 41 -15.30 14.07 23.84
CA ARG B 41 -15.55 14.46 22.46
C ARG B 41 -16.54 15.61 22.32
N HIS B 42 -17.64 15.57 23.07
CA HIS B 42 -18.74 16.50 22.83
C HIS B 42 -18.51 17.89 23.43
N GLN B 43 -17.62 18.02 24.41
CA GLN B 43 -17.29 19.33 24.96
C GLN B 43 -15.86 19.33 25.46
N GLY B 44 -15.29 20.53 25.57
CA GLY B 44 -14.23 20.76 26.53
C GLY B 44 -14.73 20.62 27.96
N VAL B 45 -13.82 20.17 28.83
CA VAL B 45 -14.23 19.70 30.16
C VAL B 45 -14.85 20.84 30.95
N MET B 46 -15.79 20.50 31.83
CA MET B 46 -16.31 21.42 32.84
C MET B 46 -15.35 21.47 34.03
N VAL B 47 -14.19 22.08 33.79
CA VAL B 47 -12.99 21.86 34.59
C VAL B 47 -13.24 22.15 36.07
N GLY B 48 -14.11 23.10 36.38
CA GLY B 48 -14.45 23.36 37.78
C GLY B 48 -15.15 22.20 38.44
N MET B 49 -16.09 21.56 37.74
CA MET B 49 -16.70 20.34 38.25
C MET B 49 -15.74 19.18 38.14
N GLY B 50 -14.86 19.19 37.14
CA GLY B 50 -13.68 18.36 37.09
C GLY B 50 -13.91 16.88 36.82
N GLN B 51 -14.74 16.58 35.83
CA GLN B 51 -14.68 15.28 35.17
C GLN B 51 -13.27 15.03 34.69
N LYS B 52 -12.86 13.75 34.68
CA LYS B 52 -11.53 13.43 34.19
C LYS B 52 -11.37 13.89 32.75
N ASP B 53 -10.22 14.52 32.48
CA ASP B 53 -9.91 14.98 31.13
C ASP B 53 -9.44 13.87 30.20
N SER B 54 -9.06 12.71 30.72
CA SER B 54 -8.74 11.57 29.87
C SER B 54 -9.00 10.27 30.61
N TYR B 55 -9.18 9.20 29.84
CA TYR B 55 -9.50 7.89 30.37
C TYR B 55 -8.63 6.87 29.65
N VAL B 56 -8.28 5.78 30.35
CA VAL B 56 -7.30 4.82 29.87
C VAL B 56 -7.84 3.41 30.03
N GLY B 57 -7.61 2.58 29.01
CA GLY B 57 -7.94 1.16 29.09
C GLY B 57 -9.42 0.87 29.29
N ASP B 58 -9.73 0.11 30.34
CA ASP B 58 -11.11 -0.30 30.56
C ASP B 58 -12.00 0.83 31.05
N GLU B 59 -11.44 1.92 31.58
CA GLU B 59 -12.23 3.12 31.82
C GLU B 59 -12.75 3.70 30.50
N ALA B 60 -11.85 3.86 29.53
CA ALA B 60 -12.22 4.34 28.21
C ALA B 60 -13.14 3.36 27.48
N GLN B 61 -13.01 2.06 27.71
CA GLN B 61 -13.99 1.12 27.17
C GLN B 61 -15.35 1.20 27.87
N SER B 62 -15.38 1.51 29.17
CA SER B 62 -16.67 1.68 29.83
C SER B 62 -17.38 2.94 29.34
N LYS B 63 -16.68 4.08 29.39
CA LYS B 63 -17.22 5.35 28.90
C LYS B 63 -16.84 5.53 27.42
N ARG B 64 -17.33 4.63 26.59
CA ARG B 64 -16.89 4.59 25.21
C ARG B 64 -17.57 5.67 24.37
N GLY B 65 -18.89 5.81 24.51
CA GLY B 65 -19.65 6.55 23.52
C GLY B 65 -19.33 8.04 23.51
N ILE B 66 -19.11 8.62 24.69
CA ILE B 66 -18.78 10.04 24.79
C ILE B 66 -17.35 10.36 24.35
N LEU B 67 -16.47 9.37 24.25
CA LEU B 67 -15.06 9.63 23.98
C LEU B 67 -14.69 9.31 22.54
N THR B 68 -13.55 9.85 22.12
CA THR B 68 -12.82 9.39 20.95
C THR B 68 -11.59 8.61 21.37
N LEU B 69 -11.42 7.43 20.81
CA LEU B 69 -10.42 6.46 21.29
C LEU B 69 -9.21 6.51 20.36
N LYS B 70 -8.05 6.81 20.94
CA LYS B 70 -6.79 6.85 20.21
C LYS B 70 -5.91 5.69 20.65
N TYR B 71 -5.15 5.15 19.70
CA TYR B 71 -4.08 4.21 20.06
C TYR B 71 -2.75 4.90 19.95
N PRO B 72 -1.92 4.86 21.01
CA PRO B 72 -0.60 5.50 20.93
C PRO B 72 0.37 4.78 20.02
N ILE B 73 0.13 3.51 19.68
CA ILE B 73 1.11 2.69 18.97
C ILE B 73 0.52 2.31 17.62
N GLU B 74 1.16 2.74 16.55
CA GLU B 74 0.81 2.33 15.20
C GLU B 74 1.88 1.43 14.60
N HIC B 75 1.50 0.20 14.24
CA HIC B 75 2.39 -0.73 13.62
C HIC B 75 3.63 -1.04 14.46
O HIC B 75 4.77 -1.11 14.00
CB HIC B 75 2.92 -0.27 12.25
CG HIC B 75 1.83 0.12 11.33
ND1 HIC B 75 0.91 -0.77 10.77
CD2 HIC B 75 1.56 1.44 10.92
CE1 HIC B 75 0.10 0.00 10.01
NE2 HIC B 75 0.45 1.35 10.06
CZ HIC B 75 -0.18 2.43 9.39
N GLY B 76 3.39 -1.23 15.75
CA GLY B 76 4.45 -1.50 16.70
C GLY B 76 5.37 -0.34 17.04
N ILE B 77 5.08 0.84 16.49
CA ILE B 77 5.85 2.04 16.73
C ILE B 77 5.03 2.97 17.61
N ILE B 78 5.66 3.50 18.65
CA ILE B 78 5.00 4.44 19.56
C ILE B 78 4.96 5.80 18.87
N THR B 79 3.76 6.23 18.49
CA THR B 79 3.56 7.46 17.74
C THR B 79 3.12 8.63 18.61
N ASN B 80 2.75 8.40 19.86
CA ASN B 80 2.41 9.50 20.77
C ASN B 80 2.97 9.18 22.14
N TRP B 81 3.96 9.97 22.55
CA TRP B 81 4.63 9.70 23.82
C TRP B 81 3.83 10.28 24.98
N ASP B 82 3.11 11.37 24.75
CA ASP B 82 2.27 11.94 25.80
C ASP B 82 1.25 10.93 26.28
N ASP B 83 0.63 10.18 25.35
CA ASP B 83 -0.28 9.10 25.71
C ASP B 83 0.43 7.82 26.14
N MET B 84 1.66 7.59 25.68
CA MET B 84 2.33 6.38 26.13
C MET B 84 2.82 6.48 27.57
N GLU B 85 3.23 7.67 28.01
CA GLU B 85 3.46 7.89 29.43
C GLU B 85 2.20 7.76 30.27
N LYS B 86 1.04 8.11 29.71
CA LYS B 86 -0.22 7.86 30.42
C LYS B 86 -0.50 6.37 30.55
N ILE B 87 -0.19 5.59 29.52
CA ILE B 87 -0.46 4.16 29.59
C ILE B 87 0.50 3.44 30.53
N TRP B 88 1.77 3.85 30.56
CA TRP B 88 2.66 3.28 31.58
C TRP B 88 2.31 3.72 32.99
N HIS B 89 1.98 5.00 33.20
CA HIS B 89 1.54 5.42 34.53
C HIS B 89 0.32 4.63 35.00
N HIS B 90 -0.68 4.50 34.12
CA HIS B 90 -1.87 3.74 34.48
C HIS B 90 -1.57 2.26 34.69
N THR B 91 -0.58 1.73 33.98
CA THR B 91 -0.19 0.34 34.20
C THR B 91 0.39 0.15 35.60
N PHE B 92 1.38 0.96 35.97
CA PHE B 92 2.06 0.72 37.24
C PHE B 92 1.19 1.11 38.44
N TYR B 93 0.69 2.34 38.46
CA TYR B 93 0.00 2.83 39.65
C TYR B 93 -1.43 2.31 39.81
N ASN B 94 -2.26 2.40 38.78
CA ASN B 94 -3.64 1.92 38.90
C ASN B 94 -3.82 0.41 38.83
N GLU B 95 -3.24 -0.25 37.82
CA GLU B 95 -3.50 -1.68 37.68
C GLU B 95 -2.57 -2.59 38.49
N LEU B 96 -1.26 -2.40 38.43
CA LEU B 96 -0.41 -3.29 39.21
C LEU B 96 -0.25 -2.85 40.66
N ARG B 97 -0.49 -1.58 40.96
CA ARG B 97 -0.27 -1.01 42.29
C ARG B 97 1.18 -1.20 42.74
N VAL B 98 2.11 -0.81 41.87
CA VAL B 98 3.53 -1.01 42.11
C VAL B 98 4.25 0.32 41.96
N ALA B 99 5.23 0.57 42.82
CA ALA B 99 6.16 1.67 42.58
C ALA B 99 7.30 1.16 41.71
N PRO B 100 7.50 1.71 40.51
CA PRO B 100 8.56 1.18 39.63
C PRO B 100 9.96 1.48 40.14
N GLU B 101 10.11 2.34 41.15
CA GLU B 101 11.41 2.58 41.76
C GLU B 101 12.08 1.32 42.26
N GLU B 102 11.30 0.33 42.70
CA GLU B 102 11.89 -0.87 43.29
C GLU B 102 12.25 -1.94 42.27
N HIS B 103 11.40 -2.14 41.26
CA HIS B 103 11.44 -3.33 40.41
C HIS B 103 12.07 -3.02 39.07
N PRO B 104 13.02 -3.83 38.61
CA PRO B 104 13.43 -3.77 37.21
C PRO B 104 12.33 -4.27 36.29
N THR B 105 12.40 -3.83 35.04
CA THR B 105 11.34 -4.07 34.07
C THR B 105 11.91 -4.66 32.79
N LEU B 106 11.09 -5.45 32.11
CA LEU B 106 11.47 -6.13 30.89
C LEU B 106 10.49 -5.74 29.80
N LEU B 107 11.02 -5.30 28.66
CA LEU B 107 10.28 -4.55 27.65
C LEU B 107 10.52 -5.17 26.29
N THR B 108 9.60 -4.93 25.37
CA THR B 108 9.42 -5.80 24.22
C THR B 108 9.18 -4.95 22.97
N GLU B 109 9.73 -5.41 21.84
CA GLU B 109 9.54 -4.76 20.54
C GLU B 109 9.35 -5.78 19.45
N ALA B 110 8.93 -5.28 18.28
CA ALA B 110 8.96 -6.02 17.04
C ALA B 110 10.37 -6.13 16.47
N PRO B 111 10.61 -7.08 15.57
CA PRO B 111 11.99 -7.41 15.18
C PRO B 111 12.75 -6.30 14.48
N LEU B 112 12.13 -5.58 13.55
CA LEU B 112 12.80 -4.51 12.81
C LEU B 112 12.02 -3.23 13.00
N ASN B 113 12.65 -2.24 13.64
CA ASN B 113 11.92 -1.14 14.25
C ASN B 113 12.87 0.03 14.38
N PRO B 114 12.38 1.27 14.22
CA PRO B 114 13.25 2.44 14.37
C PRO B 114 14.04 2.41 15.67
N LYS B 115 15.34 2.75 15.57
CA LYS B 115 16.19 2.75 16.75
C LYS B 115 15.73 3.77 17.78
N ALA B 116 15.25 4.93 17.32
CA ALA B 116 14.76 5.93 18.25
C ALA B 116 13.55 5.46 19.04
N ASN B 117 12.77 4.51 18.51
CA ASN B 117 11.65 3.97 19.27
C ASN B 117 12.12 3.23 20.51
N ARG B 118 13.30 2.60 20.45
CA ARG B 118 13.91 2.00 21.63
C ARG B 118 14.62 3.02 22.51
N GLU B 119 15.32 3.97 21.90
CA GLU B 119 16.05 4.96 22.69
C GLU B 119 15.12 5.86 23.49
N LYS B 120 14.03 6.33 22.89
CA LYS B 120 13.12 7.21 23.62
C LYS B 120 12.37 6.47 24.72
N MET B 121 11.91 5.25 24.44
CA MET B 121 11.35 4.40 25.49
C MET B 121 12.31 4.21 26.66
N THR B 122 13.60 3.99 26.36
CA THR B 122 14.57 3.83 27.44
C THR B 122 14.77 5.14 28.20
N GLN B 123 14.87 6.24 27.48
CA GLN B 123 15.07 7.54 28.12
C GLN B 123 13.90 7.85 29.05
N ILE B 124 12.68 7.63 28.58
CA ILE B 124 11.49 7.88 29.42
C ILE B 124 11.49 6.97 30.64
N MET B 125 11.86 5.70 30.46
CA MET B 125 11.79 4.75 31.57
C MET B 125 12.86 4.99 32.63
N PHE B 126 14.02 5.53 32.26
CA PHE B 126 14.94 6.06 33.28
C PHE B 126 14.61 7.45 33.83
N GLU B 127 14.17 8.41 33.01
CA GLU B 127 13.97 9.77 33.49
C GLU B 127 12.60 10.07 34.11
N THR B 128 11.51 9.72 33.45
CA THR B 128 10.19 10.07 33.95
C THR B 128 9.70 9.06 34.97
N PHE B 129 10.23 7.85 34.91
CA PHE B 129 10.00 6.78 35.86
C PHE B 129 11.39 6.34 36.25
N ASN B 130 11.54 5.77 37.43
CA ASN B 130 12.88 5.41 37.90
C ASN B 130 12.88 3.91 38.11
N VAL B 131 13.83 3.24 37.45
CA VAL B 131 13.83 1.79 37.38
C VAL B 131 15.26 1.30 37.59
N PRO B 132 15.47 0.32 38.47
CA PRO B 132 16.86 -0.08 38.75
C PRO B 132 17.59 -0.58 37.52
N ALA B 133 16.93 -1.40 36.69
CA ALA B 133 17.54 -1.91 35.48
C ALA B 133 16.44 -2.29 34.50
N MET B 134 16.82 -2.37 33.23
CA MET B 134 15.86 -2.51 32.14
C MET B 134 16.43 -3.48 31.11
N TYR B 135 15.56 -4.05 30.29
CA TYR B 135 16.00 -4.75 29.09
C TYR B 135 14.91 -4.65 28.03
N VAL B 136 15.34 -4.76 26.76
CA VAL B 136 14.43 -4.87 25.63
C VAL B 136 14.64 -6.21 24.95
N ALA B 137 13.55 -6.90 24.63
CA ALA B 137 13.57 -8.26 24.11
C ALA B 137 12.69 -8.36 22.86
N ILE B 138 12.94 -9.40 22.06
CA ILE B 138 12.23 -9.62 20.80
C ILE B 138 11.08 -10.58 21.04
N GLN B 139 9.92 -10.26 20.47
CA GLN B 139 8.72 -11.05 20.67
C GLN B 139 8.88 -12.52 20.26
N ALA B 140 9.55 -12.78 19.14
CA ALA B 140 9.71 -14.16 18.69
C ALA B 140 10.58 -15.00 19.61
N VAL B 141 11.68 -14.44 20.11
CA VAL B 141 12.54 -15.17 21.04
C VAL B 141 11.76 -15.56 22.29
N LEU B 142 11.09 -14.59 22.91
CA LEU B 142 10.25 -14.88 24.07
C LEU B 142 9.18 -15.92 23.74
N SER B 143 8.52 -15.76 22.59
CA SER B 143 7.48 -16.71 22.20
C SER B 143 8.02 -18.13 22.08
N LEU B 144 9.28 -18.27 21.66
CA LEU B 144 9.87 -19.60 21.57
C LEU B 144 10.20 -20.16 22.95
N TYR B 145 10.75 -19.33 23.83
CA TYR B 145 10.92 -19.77 25.22
C TYR B 145 9.61 -20.18 25.86
N ALA B 146 8.50 -19.54 25.49
CA ALA B 146 7.22 -19.93 26.04
C ALA B 146 6.81 -21.34 25.63
N SER B 147 7.24 -21.80 24.46
CA SER B 147 7.01 -23.20 24.13
C SER B 147 8.09 -24.10 24.69
N GLY B 148 9.21 -23.53 25.12
CA GLY B 148 10.33 -24.31 25.62
C GLY B 148 11.22 -24.92 24.57
N ARG B 149 10.85 -24.81 23.30
CA ARG B 149 11.65 -25.38 22.23
C ARG B 149 12.94 -24.59 22.05
N THR B 150 13.97 -25.28 21.55
CA THR B 150 15.20 -24.64 21.15
C THR B 150 15.29 -24.39 19.65
N THR B 151 14.46 -25.05 18.85
CA THR B 151 14.50 -24.95 17.40
C THR B 151 13.10 -24.76 16.87
N GLY B 152 12.95 -23.85 15.93
CA GLY B 152 11.70 -23.66 15.23
C GLY B 152 11.66 -22.32 14.55
N ILE B 153 10.66 -22.15 13.69
CA ILE B 153 10.36 -20.86 13.09
C ILE B 153 9.10 -20.34 13.77
N VAL B 154 9.28 -19.27 14.54
CA VAL B 154 8.16 -18.59 15.18
C VAL B 154 7.43 -17.74 14.15
N LEU B 155 6.11 -17.77 14.20
CA LEU B 155 5.28 -16.83 13.45
C LEU B 155 4.35 -16.16 14.44
N ASP B 156 4.44 -14.83 14.50
CA ASP B 156 3.78 -14.05 15.54
C ASP B 156 3.00 -12.94 14.89
N SER B 157 1.71 -12.86 15.20
CA SER B 157 0.82 -11.92 14.55
C SER B 157 -0.01 -11.26 15.63
N GLY B 158 0.15 -9.95 15.76
CA GLY B 158 -0.51 -9.16 16.76
C GLY B 158 -1.53 -8.23 16.17
N ASP B 159 -1.82 -7.16 16.92
CA ASP B 159 -2.74 -6.16 16.41
C ASP B 159 -2.10 -5.36 15.28
N GLY B 160 -0.83 -4.98 15.44
CA GLY B 160 -0.19 -4.07 14.52
C GLY B 160 0.82 -4.65 13.55
N VAL B 161 1.37 -5.83 13.83
CA VAL B 161 2.48 -6.38 13.05
C VAL B 161 2.33 -7.90 12.96
N THR B 162 2.82 -8.46 11.85
CA THR B 162 3.12 -9.88 11.73
C THR B 162 4.61 -10.02 11.43
N HIS B 163 5.30 -10.88 12.17
CA HIS B 163 6.69 -11.16 11.87
C HIS B 163 7.03 -12.63 12.03
N ASN B 164 8.14 -13.03 11.40
CA ASN B 164 8.71 -14.37 11.44
C ASN B 164 10.16 -14.25 11.86
N VAL B 165 10.60 -15.13 12.78
CA VAL B 165 12.00 -15.31 13.07
C VAL B 165 12.34 -16.80 13.13
N PRO B 166 13.24 -17.30 12.29
CA PRO B 166 13.78 -18.65 12.48
C PRO B 166 14.80 -18.70 13.60
N ILE B 167 14.75 -19.78 14.37
CA ILE B 167 15.75 -20.08 15.40
C ILE B 167 16.13 -21.54 15.26
N TYR B 168 17.42 -21.83 15.32
CA TYR B 168 17.92 -23.20 15.19
C TYR B 168 18.90 -23.51 16.31
N GLU B 169 18.59 -24.56 17.09
CA GLU B 169 19.43 -25.04 18.19
C GLU B 169 19.81 -23.92 19.14
N GLY B 170 18.89 -22.99 19.37
CA GLY B 170 19.14 -21.85 20.22
C GLY B 170 20.04 -20.78 19.62
N TYR B 171 20.57 -20.99 18.43
CA TYR B 171 21.10 -19.88 17.65
C TYR B 171 19.97 -19.18 16.93
N ALA B 172 20.16 -17.89 16.68
CA ALA B 172 19.12 -17.05 16.10
C ALA B 172 19.70 -16.32 14.91
N LEU B 173 18.86 -16.09 13.91
CA LEU B 173 19.36 -15.71 12.59
C LEU B 173 18.82 -14.32 12.26
N PRO B 174 19.68 -13.31 12.20
CA PRO B 174 19.19 -11.96 11.93
C PRO B 174 18.78 -11.77 10.50
N HIS B 175 19.34 -12.56 9.60
CA HIS B 175 19.26 -12.34 8.17
C HIS B 175 17.90 -12.72 7.59
N ALA B 176 17.22 -13.69 8.19
CA ALA B 176 15.99 -14.23 7.64
C ALA B 176 14.75 -13.74 8.36
N ILE B 177 14.87 -12.73 9.22
CA ILE B 177 13.71 -12.10 9.80
C ILE B 177 12.86 -11.46 8.71
N MET B 178 11.54 -11.63 8.81
CA MET B 178 10.58 -11.00 7.93
C MET B 178 9.48 -10.34 8.76
N ARG B 179 9.01 -9.18 8.30
CA ARG B 179 8.00 -8.42 9.00
C ARG B 179 6.95 -7.94 8.01
N LEU B 180 5.68 -8.10 8.37
CA LEU B 180 4.57 -7.51 7.65
C LEU B 180 3.79 -6.55 8.54
N ASP B 181 3.33 -5.45 7.95
CA ASP B 181 2.38 -4.56 8.61
C ASP B 181 0.93 -4.96 8.36
N LEU B 182 0.68 -6.13 7.79
CA LEU B 182 -0.65 -6.73 7.87
C LEU B 182 -0.99 -7.09 9.31
N ALA B 183 -2.24 -6.89 9.69
CA ALA B 183 -2.54 -6.60 11.08
C ALA B 183 -3.92 -7.11 11.47
N GLY B 184 -4.10 -7.34 12.78
CA GLY B 184 -5.43 -7.33 13.37
C GLY B 184 -6.23 -6.09 13.09
N ARG B 185 -5.62 -4.90 13.24
CA ARG B 185 -6.33 -3.69 12.87
C ARG B 185 -6.70 -3.74 11.40
N ASP B 186 -5.79 -4.22 10.57
CA ASP B 186 -5.94 -4.15 9.13
C ASP B 186 -6.98 -5.17 8.68
N LEU B 187 -7.33 -6.12 9.55
CA LEU B 187 -8.49 -6.99 9.42
C LEU B 187 -9.78 -6.36 9.92
N THR B 188 -9.71 -5.60 11.01
CA THR B 188 -10.87 -4.85 11.48
C THR B 188 -11.35 -3.85 10.43
N ASP B 189 -10.42 -3.06 9.89
CA ASP B 189 -10.79 -2.05 8.90
C ASP B 189 -11.34 -2.67 7.63
N TYR B 190 -10.88 -3.87 7.26
CA TYR B 190 -11.52 -4.58 6.16
C TYR B 190 -12.90 -5.10 6.51
N LEU B 191 -13.08 -5.63 7.73
CA LEU B 191 -14.40 -6.12 8.12
C LEU B 191 -15.44 -5.01 8.18
N MET B 192 -15.05 -3.79 8.56
CA MET B 192 -15.96 -2.65 8.47
C MET B 192 -16.46 -2.41 7.05
N LYS B 193 -15.56 -2.47 6.08
CA LYS B 193 -15.95 -2.29 4.69
C LYS B 193 -16.83 -3.44 4.23
N ILE B 194 -16.45 -4.67 4.54
CA ILE B 194 -17.17 -5.81 4.00
C ILE B 194 -18.55 -5.92 4.66
N LEU B 195 -18.66 -5.53 5.93
CA LEU B 195 -19.96 -5.42 6.59
C LEU B 195 -20.85 -4.38 5.92
N THR B 196 -20.26 -3.28 5.43
CA THR B 196 -21.05 -2.27 4.74
C THR B 196 -21.85 -2.84 3.57
N GLU B 197 -21.36 -3.90 2.92
CA GLU B 197 -22.12 -4.59 1.88
C GLU B 197 -23.49 -5.08 2.34
N ARG B 198 -23.68 -5.36 3.62
CA ARG B 198 -25.00 -5.70 4.14
C ARG B 198 -25.80 -4.49 4.63
N GLY B 199 -25.20 -3.31 4.64
CA GLY B 199 -25.87 -2.11 5.11
C GLY B 199 -25.63 -1.75 6.55
N TYR B 200 -24.69 -2.41 7.23
CA TYR B 200 -24.30 -2.02 8.57
C TYR B 200 -23.09 -1.11 8.45
N SER B 201 -23.26 0.17 8.79
CA SER B 201 -22.18 1.13 8.70
C SER B 201 -21.62 1.41 10.08
N PHE B 202 -20.31 1.17 10.25
CA PHE B 202 -19.61 1.41 11.51
C PHE B 202 -18.55 2.49 11.27
N VAL B 203 -18.80 3.70 11.74
CA VAL B 203 -18.02 4.86 11.33
C VAL B 203 -17.00 5.24 12.40
N THR B 204 -17.45 5.41 13.63
CA THR B 204 -16.63 5.98 14.68
C THR B 204 -15.65 4.92 15.22
N THR B 205 -14.66 5.39 15.99
CA THR B 205 -13.73 4.48 16.65
C THR B 205 -14.41 3.63 17.71
N ALA B 206 -15.43 4.18 18.37
CA ALA B 206 -16.21 3.37 19.30
C ALA B 206 -16.98 2.28 18.59
N GLU B 207 -17.45 2.54 17.37
CA GLU B 207 -18.03 1.47 16.58
C GLU B 207 -16.96 0.49 16.08
N ARG B 208 -15.75 1.00 15.82
CA ARG B 208 -14.65 0.13 15.45
C ARG B 208 -14.36 -0.91 16.53
N GLU B 209 -14.53 -0.52 17.80
CA GLU B 209 -14.44 -1.51 18.88
C GLU B 209 -15.56 -2.54 18.85
N ILE B 210 -16.73 -2.18 18.33
CA ILE B 210 -17.78 -3.16 18.13
C ILE B 210 -17.44 -4.12 17.00
N VAL B 211 -16.88 -3.60 15.91
CA VAL B 211 -16.46 -4.49 14.82
C VAL B 211 -15.33 -5.42 15.24
N ARG B 212 -14.42 -4.92 16.08
CA ARG B 212 -13.40 -5.78 16.65
C ARG B 212 -14.00 -6.92 17.46
N ASP B 213 -14.97 -6.61 18.33
CA ASP B 213 -15.61 -7.68 19.09
C ASP B 213 -16.45 -8.62 18.23
N ILE B 214 -17.02 -8.11 17.15
CA ILE B 214 -17.72 -8.97 16.19
C ILE B 214 -16.78 -9.97 15.55
N LYS B 215 -15.61 -9.53 15.11
CA LYS B 215 -14.70 -10.49 14.49
C LYS B 215 -14.10 -11.46 15.50
N GLU B 216 -13.86 -11.00 16.72
CA GLU B 216 -13.36 -11.86 17.79
C GLU B 216 -14.34 -12.97 18.17
N LYS B 217 -15.63 -12.66 18.24
CA LYS B 217 -16.61 -13.72 18.44
C LYS B 217 -16.84 -14.59 17.19
N LEU B 218 -16.99 -13.98 16.01
CA LEU B 218 -17.61 -14.71 14.91
C LEU B 218 -16.69 -15.16 13.78
N CYS B 219 -15.55 -14.52 13.55
CA CYS B 219 -14.78 -14.87 12.35
C CYS B 219 -13.99 -16.16 12.54
N TYR B 220 -13.77 -16.85 11.42
CA TYR B 220 -12.99 -18.09 11.38
C TYR B 220 -12.33 -18.22 10.02
N VAL B 221 -11.30 -19.04 9.96
CA VAL B 221 -10.54 -19.29 8.72
C VAL B 221 -11.19 -20.43 7.94
N ALA B 222 -11.73 -20.10 6.78
CA ALA B 222 -12.27 -21.08 5.85
C ALA B 222 -11.18 -22.04 5.35
N LEU B 223 -11.41 -23.34 5.54
CA LEU B 223 -10.39 -24.33 5.23
C LEU B 223 -10.07 -24.36 3.73
N ASP B 224 -11.10 -24.53 2.91
CA ASP B 224 -11.03 -24.23 1.48
C ASP B 224 -11.96 -23.06 1.19
N PHE B 225 -11.39 -21.96 0.72
CA PHE B 225 -12.15 -20.72 0.61
C PHE B 225 -13.19 -20.78 -0.50
N GLU B 226 -12.84 -21.35 -1.65
CA GLU B 226 -13.70 -21.23 -2.82
C GLU B 226 -14.96 -22.10 -2.68
N ASN B 227 -14.82 -23.28 -2.08
CA ASN B 227 -15.99 -24.11 -1.80
C ASN B 227 -16.89 -23.50 -0.73
N GLU B 228 -16.30 -22.88 0.28
CA GLU B 228 -17.13 -22.28 1.32
C GLU B 228 -17.82 -21.01 0.82
N MET B 229 -17.16 -20.24 -0.06
CA MET B 229 -17.86 -19.19 -0.78
C MET B 229 -19.02 -19.72 -1.60
N ALA B 230 -18.82 -20.85 -2.29
CA ALA B 230 -19.92 -21.42 -3.08
C ALA B 230 -21.07 -21.88 -2.20
N THR B 231 -20.77 -22.61 -1.12
CA THR B 231 -21.80 -23.14 -0.23
C THR B 231 -22.48 -22.07 0.62
N ALA B 232 -21.78 -20.99 0.98
CA ALA B 232 -22.41 -19.93 1.74
C ALA B 232 -23.52 -19.23 0.94
N ALA B 233 -23.34 -19.10 -0.38
CA ALA B 233 -24.41 -18.55 -1.20
C ALA B 233 -25.63 -19.47 -1.19
N SER B 234 -25.41 -20.78 -1.28
CA SER B 234 -26.52 -21.73 -1.33
C SER B 234 -27.20 -21.90 0.02
N SER B 235 -26.42 -22.10 1.08
CA SER B 235 -26.96 -22.40 2.40
C SER B 235 -26.81 -21.21 3.35
N SER B 236 -27.93 -20.83 3.98
CA SER B 236 -27.97 -19.89 5.10
C SER B 236 -27.41 -20.47 6.39
N SER B 237 -27.03 -21.76 6.41
CA SER B 237 -26.51 -22.39 7.63
C SER B 237 -25.28 -21.69 8.18
N LEU B 238 -24.43 -21.13 7.32
CA LEU B 238 -23.30 -20.36 7.80
C LEU B 238 -23.70 -19.06 8.51
N GLU B 239 -24.83 -18.46 8.12
CA GLU B 239 -25.21 -17.17 8.69
C GLU B 239 -25.45 -17.28 10.19
N LYS B 240 -24.94 -16.29 10.94
CA LYS B 240 -24.94 -16.33 12.39
C LYS B 240 -25.22 -14.93 12.92
N SER B 241 -25.72 -14.87 14.15
CA SER B 241 -26.35 -13.69 14.71
C SER B 241 -25.46 -13.06 15.78
N TYR B 242 -25.42 -11.73 15.79
CA TYR B 242 -24.76 -10.94 16.83
C TYR B 242 -25.75 -9.90 17.34
N GLU B 243 -25.77 -9.70 18.65
CA GLU B 243 -26.66 -8.74 19.30
C GLU B 243 -25.86 -7.56 19.83
N LEU B 244 -26.23 -6.36 19.38
CA LEU B 244 -25.46 -5.15 19.61
C LEU B 244 -25.61 -4.69 21.07
N PRO B 245 -24.80 -3.70 21.49
CA PRO B 245 -24.97 -3.12 22.84
C PRO B 245 -26.39 -2.69 23.18
N ASP B 246 -27.15 -2.16 22.22
CA ASP B 246 -28.51 -1.71 22.45
C ASP B 246 -29.56 -2.75 22.09
N GLY B 247 -29.18 -4.02 21.96
CA GLY B 247 -30.14 -5.08 21.74
C GLY B 247 -30.67 -5.20 20.33
N GLN B 248 -30.23 -4.36 19.40
CA GLN B 248 -30.44 -4.65 17.99
C GLN B 248 -29.60 -5.87 17.60
N VAL B 249 -29.95 -6.47 16.46
CA VAL B 249 -29.35 -7.73 16.05
C VAL B 249 -28.81 -7.63 14.63
N ILE B 250 -27.75 -8.41 14.39
CA ILE B 250 -26.94 -8.35 13.19
C ILE B 250 -26.84 -9.77 12.67
N THR B 251 -26.88 -9.94 11.35
CA THR B 251 -26.72 -11.25 10.74
C THR B 251 -25.64 -11.19 9.67
N ILE B 252 -24.72 -12.15 9.72
CA ILE B 252 -23.45 -12.07 9.02
C ILE B 252 -23.26 -13.37 8.25
N GLY B 253 -22.94 -13.26 6.96
CA GLY B 253 -22.82 -14.44 6.13
C GLY B 253 -21.41 -14.76 5.71
N ASN B 254 -21.12 -14.68 4.40
CA ASN B 254 -19.79 -15.00 3.93
C ASN B 254 -18.71 -14.04 4.43
N GLU B 255 -19.08 -12.86 4.93
CA GLU B 255 -18.10 -11.99 5.58
C GLU B 255 -17.38 -12.70 6.72
N ARG B 256 -18.06 -13.65 7.35
CA ARG B 256 -17.58 -14.31 8.55
C ARG B 256 -16.26 -15.05 8.34
N PHE B 257 -16.16 -15.84 7.27
CA PHE B 257 -14.86 -16.35 6.85
C PHE B 257 -14.08 -15.44 5.91
N ARG B 258 -14.74 -14.65 5.06
CA ARG B 258 -14.02 -13.79 4.13
C ARG B 258 -13.05 -12.84 4.82
N CYS B 259 -13.35 -12.41 6.05
CA CYS B 259 -12.42 -11.48 6.71
C CYS B 259 -11.07 -12.09 7.04
N PRO B 260 -10.96 -13.21 7.77
CA PRO B 260 -9.64 -13.84 7.95
C PRO B 260 -8.93 -14.29 6.67
N GLU B 261 -9.64 -14.43 5.54
CA GLU B 261 -8.97 -14.72 4.27
C GLU B 261 -7.92 -13.70 3.88
N THR B 262 -8.09 -12.43 4.23
CA THR B 262 -7.10 -11.40 3.91
C THR B 262 -5.68 -11.72 4.38
N LEU B 263 -5.52 -12.49 5.45
CA LEU B 263 -4.17 -12.83 5.89
C LEU B 263 -3.48 -13.77 4.91
N PHE B 264 -4.22 -14.70 4.33
CA PHE B 264 -3.73 -15.57 3.27
C PHE B 264 -3.64 -14.88 1.93
N GLN B 265 -4.53 -13.93 1.64
CA GLN B 265 -4.56 -13.20 0.38
C GLN B 265 -4.67 -11.70 0.62
N PRO B 266 -3.57 -11.05 1.00
CA PRO B 266 -3.61 -9.60 1.28
C PRO B 266 -4.02 -8.74 0.10
N SER B 267 -4.09 -9.29 -1.11
CA SER B 267 -4.64 -8.53 -2.23
C SER B 267 -6.09 -8.13 -2.00
N PHE B 268 -6.80 -8.79 -1.09
CA PHE B 268 -8.15 -8.37 -0.74
C PHE B 268 -8.16 -6.98 -0.13
N ILE B 269 -7.30 -6.74 0.87
CA ILE B 269 -7.14 -5.38 1.40
C ILE B 269 -6.39 -4.48 0.43
N GLY B 270 -5.59 -5.04 -0.47
CA GLY B 270 -4.93 -4.27 -1.50
C GLY B 270 -3.42 -4.18 -1.40
N MET B 271 -2.77 -5.05 -0.63
CA MET B 271 -1.33 -5.03 -0.46
C MET B 271 -0.67 -5.93 -1.49
N GLU B 272 0.57 -5.60 -1.85
CA GLU B 272 1.51 -6.61 -2.32
C GLU B 272 2.10 -7.31 -1.11
N SER B 273 1.70 -8.56 -0.90
CA SER B 273 2.41 -9.40 0.05
C SER B 273 2.13 -10.85 -0.25
N ALA B 274 3.08 -11.71 0.12
CA ALA B 274 2.78 -13.10 0.40
C ALA B 274 1.81 -13.20 1.57
N GLY B 275 1.01 -14.25 1.58
CA GLY B 275 0.25 -14.59 2.77
C GLY B 275 1.21 -14.98 3.89
N ILE B 276 0.63 -15.24 5.06
CA ILE B 276 1.47 -15.75 6.14
C ILE B 276 2.07 -17.11 5.82
N HIS B 277 1.37 -17.92 5.00
CA HIS B 277 1.92 -19.20 4.60
C HIS B 277 3.09 -19.03 3.63
N GLU B 278 2.92 -18.21 2.60
CA GLU B 278 4.00 -18.02 1.64
C GLU B 278 5.16 -17.24 2.23
N THR B 279 4.90 -16.33 3.17
CA THR B 279 5.98 -15.69 3.92
C THR B 279 6.73 -16.68 4.79
N THR B 280 6.05 -17.65 5.39
CA THR B 280 6.75 -18.64 6.20
C THR B 280 7.58 -19.57 5.34
N TYR B 281 7.02 -20.02 4.23
CA TYR B 281 7.78 -20.88 3.31
C TYR B 281 8.98 -20.15 2.72
N ASN B 282 8.82 -18.88 2.31
CA ASN B 282 9.95 -18.12 1.79
C ASN B 282 11.01 -17.87 2.85
N SER B 283 10.61 -17.67 4.10
CA SER B 283 11.60 -17.50 5.16
C SER B 283 12.36 -18.79 5.45
N ILE B 284 11.65 -19.92 5.43
CA ILE B 284 12.34 -21.22 5.54
C ILE B 284 13.33 -21.41 4.41
N MET B 285 12.90 -21.15 3.17
CA MET B 285 13.78 -21.31 2.00
C MET B 285 14.98 -20.37 2.00
N LYS B 286 14.87 -19.19 2.61
CA LYS B 286 16.08 -18.40 2.79
C LYS B 286 17.06 -18.97 3.80
N CYS B 287 16.69 -20.01 4.55
CA CYS B 287 17.61 -20.66 5.47
C CYS B 287 18.34 -21.82 4.77
N ASP B 288 19.52 -22.15 5.29
CA ASP B 288 20.34 -23.17 4.68
C ASP B 288 19.70 -24.55 4.77
N ILE B 289 19.95 -25.37 3.74
CA ILE B 289 19.13 -26.54 3.45
C ILE B 289 19.11 -27.54 4.61
N ASP B 290 20.15 -27.55 5.45
CA ASP B 290 20.15 -28.46 6.60
C ASP B 290 19.15 -28.04 7.66
N ILE B 291 19.07 -26.73 7.91
CA ILE B 291 18.11 -26.17 8.86
C ILE B 291 16.68 -26.47 8.44
N ARG B 292 16.40 -26.45 7.14
CA ARG B 292 15.04 -26.37 6.63
C ARG B 292 14.16 -27.55 7.03
N LYS B 293 14.71 -28.77 7.07
CA LYS B 293 13.92 -29.89 7.60
C LYS B 293 13.51 -29.69 9.05
N ASP B 294 14.43 -29.18 9.87
CA ASP B 294 14.16 -29.02 11.29
C ASP B 294 13.21 -27.86 11.55
N LEU B 295 13.24 -26.84 10.68
CA LEU B 295 12.19 -25.82 10.74
C LEU B 295 10.84 -26.34 10.28
N TYR B 296 10.79 -27.11 9.18
CA TYR B 296 9.51 -27.70 8.79
C TYR B 296 8.91 -28.55 9.90
N ALA B 297 9.77 -29.19 10.71
CA ALA B 297 9.29 -29.92 11.88
C ALA B 297 8.74 -29.04 13.00
N ASN B 298 9.00 -27.74 12.99
CA ASN B 298 8.43 -26.86 14.01
C ASN B 298 7.97 -25.55 13.39
N ASN B 299 6.68 -25.27 13.47
CA ASN B 299 6.14 -23.94 13.22
C ASN B 299 5.23 -23.56 14.37
N VAL B 300 5.44 -22.36 14.90
CA VAL B 300 4.92 -21.97 16.20
C VAL B 300 4.19 -20.64 16.04
N MET B 301 3.04 -20.53 16.69
CA MET B 301 2.08 -19.45 16.43
C MET B 301 1.79 -18.74 17.73
N SER B 302 1.89 -17.41 17.72
CA SER B 302 1.76 -16.61 18.92
C SER B 302 1.02 -15.32 18.59
N GLY B 303 0.25 -14.85 19.55
CA GLY B 303 -0.52 -13.62 19.42
C GLY B 303 -1.91 -13.84 18.88
N GLY B 304 -2.76 -12.84 19.13
CA GLY B 304 -4.20 -13.04 19.01
C GLY B 304 -4.67 -13.31 17.59
N THR B 305 -4.06 -12.67 16.60
CA THR B 305 -4.50 -12.87 15.23
C THR B 305 -4.36 -14.31 14.77
N THR B 306 -3.47 -15.07 15.40
CA THR B 306 -3.37 -16.51 15.20
C THR B 306 -4.61 -17.27 15.67
N MET B 307 -5.45 -16.70 16.53
CA MET B 307 -6.42 -17.50 17.25
C MET B 307 -7.70 -17.83 16.48
N TYR B 308 -7.87 -17.40 15.23
CA TYR B 308 -9.06 -17.78 14.50
C TYR B 308 -9.19 -19.31 14.40
N PRO B 309 -10.38 -19.85 14.59
CA PRO B 309 -10.62 -21.29 14.33
C PRO B 309 -10.16 -21.75 12.96
N GLY B 310 -9.45 -22.88 12.92
CA GLY B 310 -8.99 -23.47 11.68
C GLY B 310 -7.77 -22.83 11.07
N ILE B 311 -7.15 -21.88 11.76
CA ILE B 311 -5.98 -21.20 11.23
C ILE B 311 -4.86 -22.19 10.96
N ALA B 312 -4.55 -23.06 11.93
CA ALA B 312 -3.46 -24.01 11.76
C ALA B 312 -3.80 -25.08 10.73
N ASP B 313 -5.05 -25.52 10.68
CA ASP B 313 -5.44 -26.50 9.66
C ASP B 313 -5.29 -25.94 8.26
N ARG B 314 -5.66 -24.68 8.03
CA ARG B 314 -5.40 -24.09 6.72
C ARG B 314 -3.91 -23.88 6.49
N MET B 315 -3.20 -23.38 7.50
CA MET B 315 -1.79 -23.09 7.32
C MET B 315 -1.02 -24.35 6.93
N GLN B 316 -1.32 -25.46 7.60
CA GLN B 316 -0.72 -26.74 7.27
C GLN B 316 -1.13 -27.22 5.88
N LYS B 317 -2.42 -27.05 5.52
CA LYS B 317 -2.86 -27.47 4.19
C LYS B 317 -2.18 -26.70 3.07
N GLU B 318 -1.91 -25.42 3.28
CA GLU B 318 -1.20 -24.64 2.26
C GLU B 318 0.31 -24.82 2.28
N ILE B 319 0.94 -24.98 3.44
CA ILE B 319 2.36 -25.27 3.47
C ILE B 319 2.67 -26.65 2.89
N THR B 320 1.85 -27.66 3.23
CA THR B 320 2.06 -28.99 2.67
C THR B 320 2.05 -28.99 1.14
N ALA B 321 1.26 -28.12 0.52
CA ALA B 321 1.26 -28.01 -0.94
C ALA B 321 2.48 -27.29 -1.49
N LEU B 322 3.16 -26.47 -0.70
CA LEU B 322 4.37 -25.82 -1.16
C LEU B 322 5.62 -26.68 -0.96
N ALA B 323 5.75 -27.28 0.22
CA ALA B 323 6.97 -28.01 0.56
C ALA B 323 7.09 -29.30 -0.25
N PRO B 324 8.31 -29.81 -0.41
CA PRO B 324 8.49 -31.18 -0.90
C PRO B 324 7.68 -32.20 -0.09
N SER B 325 7.04 -33.11 -0.81
CA SER B 325 6.02 -33.98 -0.24
C SER B 325 6.56 -34.98 0.77
N THR B 326 7.88 -35.18 0.83
CA THR B 326 8.47 -36.11 1.78
C THR B 326 8.72 -35.49 3.15
N MET B 327 8.41 -34.20 3.32
CA MET B 327 8.58 -33.53 4.59
C MET B 327 7.39 -33.79 5.50
N LYS B 328 7.68 -34.10 6.76
CA LYS B 328 6.70 -33.90 7.82
C LYS B 328 6.62 -32.41 8.15
N ILE B 329 5.42 -31.85 8.08
CA ILE B 329 5.18 -30.44 8.32
C ILE B 329 4.24 -30.31 9.49
N LYS B 330 4.69 -29.59 10.52
CA LYS B 330 4.05 -29.61 11.82
C LYS B 330 3.87 -28.18 12.31
N ILE B 331 2.66 -27.88 12.76
CA ILE B 331 2.31 -26.53 13.20
C ILE B 331 1.70 -26.64 14.58
N ILE B 332 2.07 -25.72 15.45
CA ILE B 332 1.94 -25.91 16.90
C ILE B 332 1.17 -24.73 17.45
N ALA B 333 0.07 -25.01 18.12
CA ALA B 333 -0.67 -23.97 18.82
C ALA B 333 -1.11 -24.50 20.17
N PRO B 334 -0.65 -23.90 21.26
CA PRO B 334 -1.37 -23.98 22.52
C PRO B 334 -2.65 -23.19 22.45
N PRO B 335 -3.57 -23.37 23.40
CA PRO B 335 -4.68 -22.41 23.50
C PRO B 335 -4.26 -21.06 24.07
N GLU B 336 -3.10 -21.01 24.72
CA GLU B 336 -2.61 -19.86 25.47
C GLU B 336 -1.94 -18.79 24.60
N ARG B 337 -1.96 -18.96 23.27
CA ARG B 337 -1.07 -18.22 22.37
C ARG B 337 -1.01 -16.71 22.61
N LYS B 338 -2.15 -16.09 22.95
CA LYS B 338 -2.14 -14.64 23.12
C LYS B 338 -1.22 -14.19 24.26
N TYR B 339 -0.98 -15.03 25.25
CA TYR B 339 -0.10 -14.68 26.35
C TYR B 339 1.32 -15.20 26.17
N SER B 340 1.57 -15.95 25.09
CA SER B 340 2.83 -16.67 24.88
C SER B 340 4.07 -15.78 24.99
N VAL B 341 4.05 -14.61 24.35
CA VAL B 341 5.18 -13.69 24.47
C VAL B 341 5.41 -13.26 25.91
N TRP B 342 4.35 -12.94 26.64
CA TRP B 342 4.53 -12.55 28.04
C TRP B 342 5.05 -13.70 28.89
N ILE B 343 4.53 -14.90 28.67
CA ILE B 343 5.02 -16.08 29.39
C ILE B 343 6.51 -16.33 29.10
N GLY B 344 6.92 -16.18 27.85
CA GLY B 344 8.33 -16.28 27.53
C GLY B 344 9.19 -15.23 28.21
N GLY B 345 8.67 -14.00 28.31
CA GLY B 345 9.40 -13.00 29.05
C GLY B 345 9.46 -13.27 30.54
N SER B 346 8.39 -13.84 31.09
CA SER B 346 8.38 -14.24 32.50
C SER B 346 9.47 -15.27 32.76
N ILE B 347 9.54 -16.30 31.90
CA ILE B 347 10.58 -17.31 32.03
C ILE B 347 11.96 -16.67 31.92
N LEU B 348 12.18 -15.88 30.87
CA LEU B 348 13.51 -15.33 30.64
C LEU B 348 13.95 -14.44 31.80
N ALA B 349 13.03 -13.61 32.31
CA ALA B 349 13.36 -12.74 33.44
C ALA B 349 13.66 -13.57 34.69
N SER B 350 12.94 -14.66 34.90
CA SER B 350 13.19 -15.47 36.08
C SER B 350 14.53 -16.20 35.98
N LEU B 351 14.94 -16.56 34.77
CA LEU B 351 16.14 -17.36 34.57
C LEU B 351 17.38 -16.64 35.09
N SER B 352 18.09 -17.27 36.03
CA SER B 352 19.28 -16.68 36.63
C SER B 352 20.38 -16.39 35.62
N THR B 353 20.47 -17.19 34.56
CA THR B 353 21.44 -16.96 33.48
C THR B 353 21.28 -15.56 32.88
N PHE B 354 20.06 -15.03 32.88
CA PHE B 354 19.78 -13.75 32.22
C PHE B 354 20.35 -12.57 32.99
N GLN B 355 20.59 -12.73 34.30
CA GLN B 355 20.62 -11.61 35.24
C GLN B 355 21.74 -10.61 34.94
N GLN B 356 22.75 -10.99 34.17
CA GLN B 356 23.78 -10.03 33.79
C GLN B 356 23.35 -9.13 32.64
N MET B 357 22.29 -9.47 31.93
CA MET B 357 21.88 -8.74 30.73
C MET B 357 21.13 -7.45 31.03
N TRP B 358 20.55 -7.31 32.23
CA TRP B 358 19.94 -6.05 32.61
C TRP B 358 20.91 -4.88 32.42
N ILE B 359 20.39 -3.78 31.89
CA ILE B 359 21.11 -2.52 31.82
C ILE B 359 20.87 -1.76 33.12
N THR B 360 21.94 -1.53 33.89
CA THR B 360 21.76 -0.76 35.11
C THR B 360 21.65 0.73 34.77
N LYS B 361 20.84 1.44 35.56
CA LYS B 361 20.63 2.87 35.32
C LYS B 361 21.94 3.65 35.28
N GLN B 362 22.86 3.36 36.21
CA GLN B 362 24.19 3.98 36.19
C GLN B 362 24.95 3.68 34.89
N GLU B 363 24.91 2.43 34.45
CA GLU B 363 25.57 2.04 33.21
C GLU B 363 24.97 2.73 32.00
N TYR B 364 23.66 2.95 32.00
CA TYR B 364 23.04 3.82 31.01
C TYR B 364 23.53 5.25 31.16
N ASP B 365 23.67 5.72 32.40
CA ASP B 365 23.99 7.13 32.63
C ASP B 365 25.35 7.47 32.03
N GLU B 366 26.34 6.60 32.27
CA GLU B 366 27.65 6.78 31.66
C GLU B 366 27.67 6.48 30.16
N ALA B 367 27.04 5.38 29.72
CA ALA B 367 27.16 4.98 28.32
C ALA B 367 26.36 5.87 27.36
N GLY B 368 25.24 6.43 27.79
CA GLY B 368 24.33 7.12 26.91
C GLY B 368 23.46 6.16 26.14
N PRO B 369 22.44 6.70 25.46
CA PRO B 369 21.32 5.84 25.01
C PRO B 369 21.70 4.71 24.08
N SER B 370 22.81 4.81 23.34
CA SER B 370 23.15 3.79 22.36
C SER B 370 23.29 2.40 22.96
N ILE B 371 23.68 2.30 24.24
CA ILE B 371 23.97 1.02 24.88
C ILE B 371 22.83 0.02 24.75
N VAL B 372 21.58 0.51 24.71
CA VAL B 372 20.41 -0.37 24.64
C VAL B 372 20.49 -1.34 23.47
N HIS B 373 21.14 -0.96 22.38
CA HIS B 373 21.13 -1.79 21.18
C HIS B 373 22.08 -2.98 21.24
N ARG B 374 22.92 -3.08 22.27
CA ARG B 374 23.81 -4.21 22.40
C ARG B 374 23.02 -5.52 22.44
N LYS B 375 23.54 -6.54 21.76
CA LYS B 375 22.77 -7.72 21.41
C LYS B 375 23.34 -8.93 22.13
N CYS B 376 22.46 -9.74 22.73
CA CYS B 376 22.88 -10.69 23.74
C CYS B 376 21.99 -11.92 23.69
N PHE B 377 22.58 -13.08 23.94
CA PHE B 377 21.83 -14.31 24.14
C PHE B 377 22.31 -15.05 25.38
N THR C 7 24.27 -8.00 -43.66
CA THR C 7 24.49 -6.57 -43.49
C THR C 7 25.27 -6.30 -42.20
N THR C 8 24.54 -6.18 -41.10
CA THR C 8 25.09 -5.67 -39.85
C THR C 8 24.39 -6.38 -38.71
N ALA C 9 24.99 -6.31 -37.52
CA ALA C 9 24.74 -7.32 -36.51
C ALA C 9 24.31 -6.66 -35.21
N LEU C 10 23.21 -7.14 -34.66
CA LEU C 10 22.72 -6.64 -33.38
C LEU C 10 23.60 -7.16 -32.26
N VAL C 11 23.84 -6.32 -31.26
CA VAL C 11 24.62 -6.73 -30.10
C VAL C 11 23.78 -6.45 -28.87
N CYS C 12 23.54 -7.49 -28.08
CA CYS C 12 22.57 -7.45 -27.00
C CYS C 12 23.26 -7.91 -25.73
N ASP C 13 23.16 -7.11 -24.68
CA ASP C 13 23.64 -7.50 -23.37
C ASP C 13 22.47 -7.30 -22.43
N ASN C 14 21.97 -8.40 -21.88
CA ASN C 14 20.77 -8.37 -21.05
C ASN C 14 21.09 -9.09 -19.76
N GLY C 15 20.80 -8.43 -18.66
CA GLY C 15 21.17 -8.91 -17.36
C GLY C 15 20.00 -8.77 -16.41
N SER C 16 20.26 -9.03 -15.13
CA SER C 16 19.20 -8.98 -14.15
C SER C 16 18.74 -7.55 -13.87
N GLY C 17 19.54 -6.55 -14.24
CA GLY C 17 19.17 -5.18 -13.95
C GLY C 17 18.88 -4.28 -15.13
N LEU C 18 19.33 -4.63 -16.33
CA LEU C 18 19.14 -3.75 -17.48
C LEU C 18 19.15 -4.59 -18.75
N VAL C 19 18.65 -4.00 -19.83
CA VAL C 19 19.01 -4.38 -21.19
C VAL C 19 19.89 -3.29 -21.79
N LYS C 20 20.99 -3.69 -22.41
CA LYS C 20 21.83 -2.82 -23.21
C LYS C 20 21.91 -3.39 -24.63
N ALA C 21 21.29 -2.72 -25.58
CA ALA C 21 21.19 -3.24 -26.94
C ALA C 21 21.46 -2.12 -27.94
N GLY C 22 21.82 -2.53 -29.16
CA GLY C 22 22.28 -1.57 -30.15
C GLY C 22 22.83 -2.30 -31.36
N PHE C 23 23.70 -1.60 -32.09
CA PHE C 23 24.26 -2.12 -33.33
C PHE C 23 25.77 -2.26 -33.20
N ALA C 24 26.31 -3.28 -33.87
CA ALA C 24 27.75 -3.46 -33.89
C ALA C 24 28.45 -2.26 -34.52
N GLY C 25 29.54 -1.83 -33.89
CA GLY C 25 30.33 -0.72 -34.36
C GLY C 25 29.88 0.65 -33.90
N ASP C 26 28.71 0.76 -33.27
CA ASP C 26 28.39 1.97 -32.54
C ASP C 26 29.28 2.12 -31.30
N ASP C 27 29.40 3.36 -30.83
CA ASP C 27 30.20 3.64 -29.66
C ASP C 27 29.50 3.30 -28.35
N ALA C 28 28.19 3.16 -28.35
CA ALA C 28 27.44 2.95 -27.12
C ALA C 28 26.10 2.32 -27.48
N PRO C 29 25.39 1.76 -26.50
CA PRO C 29 24.04 1.23 -26.78
C PRO C 29 23.09 2.31 -27.28
N ARG C 30 22.08 1.88 -28.02
CA ARG C 30 21.01 2.79 -28.40
C ARG C 30 19.84 2.73 -27.43
N ALA C 31 19.49 1.55 -26.95
CA ALA C 31 18.45 1.37 -25.94
C ALA C 31 19.07 0.90 -24.64
N VAL C 32 18.80 1.61 -23.55
CA VAL C 32 19.01 1.09 -22.21
C VAL C 32 17.73 1.33 -21.41
N PHE C 33 17.17 0.26 -20.86
CA PHE C 33 15.93 0.32 -20.11
C PHE C 33 15.93 -0.80 -19.09
N PRO C 34 15.24 -0.63 -17.96
CA PRO C 34 15.14 -1.71 -16.97
C PRO C 34 14.63 -3.00 -17.60
N SER C 35 15.17 -4.13 -17.12
CA SER C 35 14.67 -5.46 -17.44
C SER C 35 13.48 -5.79 -16.53
N ILE C 36 12.37 -5.12 -16.79
CA ILE C 36 11.19 -5.17 -15.93
C ILE C 36 9.96 -5.39 -16.80
N VAL C 37 9.05 -6.23 -16.31
CA VAL C 37 7.68 -6.30 -16.79
C VAL C 37 6.74 -6.03 -15.62
N GLY C 38 5.75 -5.18 -15.86
CA GLY C 38 4.82 -4.77 -14.82
C GLY C 38 3.40 -5.15 -15.21
N ARG C 39 2.66 -5.68 -14.24
CA ARG C 39 1.26 -6.02 -14.43
C ARG C 39 0.38 -5.14 -13.55
N PRO C 40 -0.82 -4.79 -14.01
CA PRO C 40 -1.77 -4.06 -13.16
C PRO C 40 -2.02 -4.81 -11.86
N ARG C 41 -1.83 -4.10 -10.75
CA ARG C 41 -1.86 -4.68 -9.42
C ARG C 41 -3.23 -4.62 -8.77
N HIS C 42 -3.94 -3.51 -8.89
CA HIS C 42 -5.15 -3.32 -8.11
C HIS C 42 -6.34 -4.06 -8.69
N GLN C 43 -6.30 -4.41 -9.98
CA GLN C 43 -7.33 -5.20 -10.62
C GLN C 43 -6.71 -6.01 -11.75
N GLY C 44 -7.38 -7.08 -12.14
CA GLY C 44 -7.25 -7.60 -13.48
C GLY C 44 -7.78 -6.59 -14.50
N VAL C 45 -7.18 -6.60 -15.70
CA VAL C 45 -7.41 -5.49 -16.62
C VAL C 45 -8.88 -5.47 -16.98
N MET C 46 -9.39 -4.25 -17.22
CA MET C 46 -10.72 -4.02 -17.79
C MET C 46 -10.69 -4.11 -19.32
N VAL C 47 -10.54 -5.36 -19.78
CA VAL C 47 -10.06 -5.67 -21.13
C VAL C 47 -10.89 -5.04 -22.23
N GLY C 48 -12.19 -4.83 -22.00
CA GLY C 48 -13.00 -4.15 -23.01
C GLY C 48 -12.59 -2.72 -23.28
N MET C 49 -12.26 -1.96 -22.23
CA MET C 49 -11.71 -0.64 -22.47
C MET C 49 -10.26 -0.74 -22.93
N GLY C 50 -9.58 -1.80 -22.49
CA GLY C 50 -8.33 -2.27 -23.04
C GLY C 50 -7.10 -1.43 -22.80
N GLN C 51 -6.92 -1.00 -21.55
CA GLN C 51 -5.60 -0.62 -21.08
C GLN C 51 -4.64 -1.78 -21.30
N LYS C 52 -3.37 -1.47 -21.55
CA LYS C 52 -2.40 -2.54 -21.72
C LYS C 52 -2.36 -3.44 -20.49
N ASP C 53 -2.35 -4.75 -20.73
CA ASP C 53 -2.27 -5.73 -19.66
C ASP C 53 -0.87 -5.88 -19.09
N SER C 54 0.16 -5.38 -19.77
CA SER C 54 1.51 -5.38 -19.21
C SER C 54 2.31 -4.22 -19.79
N TYR C 55 3.35 -3.84 -19.06
CA TYR C 55 4.20 -2.72 -19.42
C TYR C 55 5.65 -3.15 -19.23
N VAL C 56 6.54 -2.58 -20.04
CA VAL C 56 7.92 -3.04 -20.13
C VAL C 56 8.86 -1.85 -20.05
N GLY C 57 9.95 -2.01 -19.31
CA GLY C 57 10.99 -1.01 -19.25
C GLY C 57 10.56 0.33 -18.70
N ASP C 58 10.79 1.38 -19.48
CA ASP C 58 10.49 2.73 -19.01
C ASP C 58 9.01 3.02 -18.95
N GLU C 59 8.17 2.25 -19.65
CA GLU C 59 6.73 2.34 -19.42
C GLU C 59 6.38 1.90 -18.00
N ALA C 60 6.88 0.74 -17.60
CA ALA C 60 6.68 0.24 -16.24
C ALA C 60 7.31 1.13 -15.19
N GLN C 61 8.45 1.78 -15.49
CA GLN C 61 8.96 2.78 -14.56
C GLN C 61 8.14 4.06 -14.51
N SER C 62 7.51 4.47 -15.62
CA SER C 62 6.64 5.64 -15.57
C SER C 62 5.38 5.36 -14.77
N LYS C 63 4.67 4.29 -15.13
CA LYS C 63 3.47 3.87 -14.40
C LYS C 63 3.86 2.87 -13.30
N ARG C 64 4.64 3.37 -12.34
CA ARG C 64 5.24 2.47 -11.36
C ARG C 64 4.24 2.10 -10.27
N GLY C 65 3.51 3.09 -9.75
CA GLY C 65 2.80 2.87 -8.49
C GLY C 65 1.66 1.88 -8.61
N ILE C 66 0.93 1.91 -9.73
CA ILE C 66 -0.17 0.99 -9.96
C ILE C 66 0.26 -0.44 -10.29
N LEU C 67 1.52 -0.67 -10.65
CA LEU C 67 1.95 -1.98 -11.12
C LEU C 67 2.73 -2.73 -10.05
N THR C 68 2.85 -4.04 -10.26
CA THR C 68 3.83 -4.88 -9.60
C THR C 68 4.93 -5.26 -10.58
N LEU C 69 6.18 -5.03 -10.19
CA LEU C 69 7.33 -5.11 -11.08
C LEU C 69 8.05 -6.43 -10.86
N LYS C 70 8.15 -7.24 -11.90
CA LYS C 70 8.86 -8.51 -11.87
C LYS C 70 10.14 -8.41 -12.67
N TYR C 71 11.18 -9.08 -12.20
CA TYR C 71 12.37 -9.26 -13.02
C TYR C 71 12.42 -10.67 -13.58
N PRO C 72 12.54 -10.84 -14.90
CA PRO C 72 12.62 -12.20 -15.45
C PRO C 72 13.91 -12.92 -15.15
N ILE C 73 14.98 -12.22 -14.75
CA ILE C 73 16.29 -12.83 -14.62
C ILE C 73 16.73 -12.75 -13.16
N GLU C 74 16.93 -13.91 -12.55
CA GLU C 74 17.48 -14.01 -11.20
C GLU C 74 18.88 -14.61 -11.23
N HIC C 75 19.87 -13.84 -10.79
CA HIC C 75 21.24 -14.29 -10.71
C HIC C 75 21.77 -14.76 -12.07
O HIC C 75 22.42 -15.79 -12.22
CB HIC C 75 21.44 -15.46 -9.73
CG HIC C 75 20.86 -15.17 -8.41
ND1 HIC C 75 21.35 -14.22 -7.51
CD2 HIC C 75 19.73 -15.80 -7.86
CE1 HIC C 75 20.53 -14.28 -6.44
NE2 HIC C 75 19.52 -15.23 -6.61
CZ HIC C 75 18.49 -15.55 -5.70
N GLY C 76 21.49 -13.95 -13.08
CA GLY C 76 21.90 -14.26 -14.44
C GLY C 76 21.17 -15.39 -15.13
N ILE C 77 20.17 -15.98 -14.48
CA ILE C 77 19.37 -17.06 -15.03
C ILE C 77 17.99 -16.52 -15.36
N ILE C 78 17.51 -16.83 -16.56
CA ILE C 78 16.18 -16.43 -17.00
C ILE C 78 15.16 -17.34 -16.36
N THR C 79 14.38 -16.80 -15.43
CA THR C 79 13.42 -17.58 -14.66
C THR C 79 11.99 -17.48 -15.18
N ASN C 80 11.71 -16.55 -16.11
CA ASN C 80 10.38 -16.47 -16.70
C ASN C 80 10.54 -16.18 -18.19
N TRP C 81 10.18 -17.17 -19.01
CA TRP C 81 10.37 -17.02 -20.45
C TRP C 81 9.23 -16.24 -21.08
N ASP C 82 8.03 -16.34 -20.50
CA ASP C 82 6.91 -15.56 -21.01
C ASP C 82 7.20 -14.07 -20.96
N ASP C 83 7.82 -13.61 -19.85
CA ASP C 83 8.24 -12.21 -19.75
C ASP C 83 9.55 -11.93 -20.48
N MET C 84 10.40 -12.93 -20.67
CA MET C 84 11.63 -12.65 -21.42
C MET C 84 11.38 -12.50 -22.91
N GLU C 85 10.42 -13.25 -23.47
CA GLU C 85 9.98 -12.97 -24.83
C GLU C 85 9.32 -11.60 -24.98
N LYS C 86 8.65 -11.10 -23.93
CA LYS C 86 8.15 -9.74 -23.96
C LYS C 86 9.28 -8.72 -23.96
N ILE C 87 10.34 -8.99 -23.21
CA ILE C 87 11.45 -8.04 -23.15
C ILE C 87 12.25 -8.03 -24.45
N TRP C 88 12.44 -9.19 -25.08
CA TRP C 88 13.06 -9.18 -26.40
C TRP C 88 12.18 -8.54 -27.48
N HIS C 89 10.88 -8.85 -27.47
CA HIS C 89 9.97 -8.19 -28.41
C HIS C 89 10.01 -6.67 -28.25
N HIS C 90 9.93 -6.19 -27.01
CA HIS C 90 9.97 -4.75 -26.76
C HIS C 90 11.32 -4.16 -27.12
N THR C 91 12.40 -4.94 -26.99
CA THR C 91 13.71 -4.43 -27.41
C THR C 91 13.76 -4.23 -28.91
N PHE C 92 13.42 -5.25 -29.69
CA PHE C 92 13.60 -5.14 -31.13
C PHE C 92 12.56 -4.22 -31.78
N TYR C 93 11.28 -4.48 -31.54
CA TYR C 93 10.22 -3.75 -32.25
C TYR C 93 9.98 -2.34 -31.74
N ASN C 94 9.78 -2.15 -30.43
CA ASN C 94 9.52 -0.82 -29.90
C ASN C 94 10.75 0.08 -29.78
N GLU C 95 11.83 -0.41 -29.16
CA GLU C 95 12.97 0.46 -28.93
C GLU C 95 13.96 0.55 -30.09
N LEU C 96 14.38 -0.57 -30.66
CA LEU C 96 15.34 -0.45 -31.76
C LEU C 96 14.66 -0.18 -33.10
N ARG C 97 13.38 -0.52 -33.23
CA ARG C 97 12.65 -0.41 -34.48
C ARG C 97 13.32 -1.24 -35.58
N VAL C 98 13.61 -2.49 -35.28
CA VAL C 98 14.34 -3.37 -36.18
C VAL C 98 13.53 -4.64 -36.37
N ALA C 99 13.51 -5.17 -37.60
CA ALA C 99 13.03 -6.52 -37.81
C ALA C 99 14.19 -7.48 -37.62
N PRO C 100 14.11 -8.40 -36.64
CA PRO C 100 15.24 -9.30 -36.40
C PRO C 100 15.46 -10.32 -37.49
N GLU C 101 14.53 -10.46 -38.44
CA GLU C 101 14.72 -11.32 -39.60
C GLU C 101 15.98 -11.00 -40.39
N GLU C 102 16.39 -9.74 -40.41
CA GLU C 102 17.54 -9.37 -41.24
C GLU C 102 18.88 -9.53 -40.52
N HIS C 103 18.95 -9.19 -39.23
CA HIS C 103 20.22 -8.98 -38.55
C HIS C 103 20.58 -10.18 -37.68
N PRO C 104 21.80 -10.68 -37.77
CA PRO C 104 22.30 -11.60 -36.74
C PRO C 104 22.52 -10.89 -35.43
N THR C 105 22.50 -11.67 -34.35
CA THR C 105 22.51 -11.12 -33.00
C THR C 105 23.61 -11.78 -32.18
N LEU C 106 24.14 -11.03 -31.22
CA LEU C 106 25.21 -11.48 -30.36
C LEU C 106 24.75 -11.35 -28.92
N LEU C 107 24.89 -12.44 -28.17
CA LEU C 107 24.20 -12.63 -26.90
C LEU C 107 25.20 -13.07 -25.84
N THR C 108 24.83 -12.83 -24.58
CA THR C 108 25.82 -12.75 -23.52
C THR C 108 25.28 -13.47 -22.29
N GLU C 109 26.18 -14.15 -21.57
CA GLU C 109 25.84 -14.86 -20.33
C GLU C 109 26.93 -14.67 -19.29
N ALA C 110 26.61 -15.07 -18.07
CA ALA C 110 27.59 -15.24 -17.01
C ALA C 110 28.42 -16.50 -17.23
N PRO C 111 29.59 -16.60 -16.58
CA PRO C 111 30.53 -17.66 -16.94
C PRO C 111 30.06 -19.07 -16.66
N LEU C 112 29.42 -19.33 -15.52
CA LEU C 112 28.96 -20.67 -15.19
C LEU C 112 27.47 -20.64 -14.93
N ASN C 113 26.71 -21.34 -15.77
CA ASN C 113 25.28 -21.09 -15.91
C ASN C 113 24.65 -22.36 -16.47
N PRO C 114 23.42 -22.69 -16.06
CA PRO C 114 22.76 -23.89 -16.59
C PRO C 114 22.78 -23.93 -18.12
N LYS C 115 23.08 -25.12 -18.65
CA LYS C 115 23.15 -25.28 -20.10
C LYS C 115 21.79 -25.03 -20.75
N ALA C 116 20.71 -25.45 -20.09
CA ALA C 116 19.39 -25.23 -20.64
C ALA C 116 19.05 -23.75 -20.74
N ASN C 117 19.67 -22.90 -19.92
CA ASN C 117 19.44 -21.46 -20.05
C ASN C 117 19.95 -20.93 -21.38
N ARG C 118 21.01 -21.53 -21.91
CA ARG C 118 21.51 -21.20 -23.24
C ARG C 118 20.70 -21.88 -24.35
N GLU C 119 20.31 -23.13 -24.13
CA GLU C 119 19.57 -23.86 -25.15
C GLU C 119 18.19 -23.26 -25.38
N LYS C 120 17.49 -22.88 -24.31
CA LYS C 120 16.15 -22.32 -24.47
C LYS C 120 16.20 -20.92 -25.10
N MET C 121 17.14 -20.09 -24.67
CA MET C 121 17.40 -18.81 -25.34
C MET C 121 17.66 -18.98 -26.83
N THR C 122 18.46 -19.99 -27.21
CA THR C 122 18.72 -20.21 -28.63
C THR C 122 17.47 -20.68 -29.35
N GLN C 123 16.72 -21.59 -28.74
CA GLN C 123 15.50 -22.09 -29.35
C GLN C 123 14.52 -20.96 -29.60
N ILE C 124 14.32 -20.11 -28.59
CA ILE C 124 13.41 -18.97 -28.72
C ILE C 124 13.89 -18.02 -29.82
N MET C 125 15.19 -17.75 -29.88
CA MET C 125 15.71 -16.79 -30.84
C MET C 125 15.66 -17.29 -32.28
N PHE C 126 15.76 -18.60 -32.52
CA PHE C 126 15.41 -19.13 -33.85
C PHE C 126 13.91 -19.33 -34.11
N GLU C 127 13.12 -19.79 -33.15
CA GLU C 127 11.70 -20.12 -33.43
C GLU C 127 10.72 -18.95 -33.27
N THR C 128 10.76 -18.22 -32.17
CA THR C 128 9.76 -17.17 -31.95
C THR C 128 10.17 -15.87 -32.64
N PHE C 129 11.45 -15.71 -32.87
CA PHE C 129 12.05 -14.62 -33.62
C PHE C 129 12.92 -15.33 -34.64
N ASN C 130 13.19 -14.68 -35.77
CA ASN C 130 13.95 -15.36 -36.81
C ASN C 130 15.21 -14.54 -37.05
N VAL C 131 16.35 -15.20 -36.92
CA VAL C 131 17.64 -14.51 -36.88
C VAL C 131 18.61 -15.30 -37.74
N PRO C 132 19.33 -14.65 -38.66
CA PRO C 132 20.21 -15.41 -39.55
C PRO C 132 21.26 -16.23 -38.83
N ALA C 133 21.90 -15.64 -37.81
CA ALA C 133 22.91 -16.35 -37.05
C ALA C 133 23.04 -15.73 -35.67
N MET C 134 23.60 -16.50 -34.74
CA MET C 134 23.61 -16.15 -33.33
C MET C 134 24.95 -16.54 -32.75
N TYR C 135 25.31 -15.92 -31.62
CA TYR C 135 26.42 -16.40 -30.82
C TYR C 135 26.16 -16.07 -29.36
N VAL C 136 26.77 -16.84 -28.47
CA VAL C 136 26.77 -16.55 -27.04
C VAL C 136 28.20 -16.31 -26.57
N ALA C 137 28.40 -15.25 -25.79
CA ALA C 137 29.71 -14.78 -25.38
C ALA C 137 29.73 -14.57 -23.87
N ILE C 138 30.95 -14.56 -23.32
CA ILE C 138 31.17 -14.42 -21.88
C ILE C 138 31.44 -12.95 -21.56
N GLN C 139 30.81 -12.46 -20.49
CA GLN C 139 30.92 -11.07 -20.09
C GLN C 139 32.36 -10.61 -19.86
N ALA C 140 33.18 -11.44 -19.21
CA ALA C 140 34.55 -11.04 -18.93
C ALA C 140 35.41 -10.90 -20.20
N VAL C 141 35.26 -11.81 -21.16
CA VAL C 141 35.99 -11.72 -22.41
C VAL C 141 35.66 -10.41 -23.13
N LEU C 142 34.37 -10.15 -23.31
CA LEU C 142 33.94 -8.90 -23.93
C LEU C 142 34.46 -7.70 -23.16
N SER C 143 34.35 -7.73 -21.83
CA SER C 143 34.82 -6.62 -21.01
C SER C 143 36.31 -6.36 -21.21
N LEU C 144 37.08 -7.41 -21.46
CA LEU C 144 38.51 -7.23 -21.72
C LEU C 144 38.75 -6.64 -23.11
N TYR C 145 38.03 -7.12 -24.12
CA TYR C 145 38.12 -6.48 -25.43
C TYR C 145 37.76 -5.00 -25.37
N ALA C 146 36.83 -4.63 -24.49
CA ALA C 146 36.48 -3.22 -24.35
C ALA C 146 37.64 -2.38 -23.84
N SER C 147 38.52 -2.96 -23.02
CA SER C 147 39.72 -2.22 -22.65
C SER C 147 40.83 -2.37 -23.68
N GLY C 148 40.72 -3.35 -24.58
CA GLY C 148 41.74 -3.60 -25.57
C GLY C 148 42.92 -4.40 -25.07
N ARG C 149 43.00 -4.67 -23.78
CA ARG C 149 44.11 -5.42 -23.23
C ARG C 149 44.04 -6.88 -23.66
N THR C 150 45.21 -7.52 -23.71
CA THR C 150 45.28 -8.95 -23.93
C THR C 150 45.51 -9.74 -22.65
N THR C 151 45.92 -9.09 -21.57
CA THR C 151 46.23 -9.77 -20.32
C THR C 151 45.60 -9.00 -19.17
N GLY C 152 45.00 -9.73 -18.25
CA GLY C 152 44.47 -9.16 -17.02
C GLY C 152 43.50 -10.10 -16.39
N ILE C 153 43.13 -9.79 -15.15
CA ILE C 153 42.05 -10.47 -14.46
C ILE C 153 40.86 -9.53 -14.44
N VAL C 154 39.83 -9.88 -15.18
CA VAL C 154 38.59 -9.12 -15.19
C VAL C 154 37.80 -9.42 -13.92
N LEU C 155 37.23 -8.39 -13.33
CA LEU C 155 36.24 -8.54 -12.26
C LEU C 155 35.02 -7.77 -12.68
N ASP C 156 33.88 -8.47 -12.76
CA ASP C 156 32.67 -7.92 -13.36
C ASP C 156 31.54 -8.13 -12.38
N SER C 157 30.84 -7.07 -12.04
CA SER C 157 29.80 -7.10 -11.03
C SER C 157 28.60 -6.37 -11.57
N GLY C 158 27.50 -7.09 -11.73
CA GLY C 158 26.27 -6.58 -12.28
C GLY C 158 25.18 -6.50 -11.25
N ASP C 159 23.95 -6.53 -11.73
CA ASP C 159 22.82 -6.55 -10.81
C ASP C 159 22.72 -7.89 -10.12
N GLY C 160 22.91 -8.99 -10.85
CA GLY C 160 22.65 -10.32 -10.32
C GLY C 160 23.83 -11.20 -9.98
N VAL C 161 25.02 -10.93 -10.52
CA VAL C 161 26.17 -11.83 -10.39
C VAL C 161 27.45 -11.02 -10.27
N THR C 162 28.42 -11.59 -9.56
CA THR C 162 29.82 -11.18 -9.62
C THR C 162 30.64 -12.38 -10.09
N HIS C 163 31.49 -12.17 -11.10
CA HIS C 163 32.40 -13.22 -11.53
C HIS C 163 33.78 -12.66 -11.86
N ASN C 164 34.76 -13.58 -11.87
CA ASN C 164 36.15 -13.31 -12.21
C ASN C 164 36.58 -14.27 -13.29
N VAL C 165 37.28 -13.78 -14.32
CA VAL C 165 37.97 -14.61 -15.28
C VAL C 165 39.38 -14.07 -15.50
N PRO C 166 40.43 -14.84 -15.22
CA PRO C 166 41.78 -14.47 -15.67
C PRO C 166 41.97 -14.73 -17.15
N ILE C 167 42.68 -13.82 -17.81
CA ILE C 167 43.08 -13.98 -19.20
C ILE C 167 44.55 -13.60 -19.31
N TYR C 168 45.35 -14.41 -20.01
CA TYR C 168 46.77 -14.16 -20.19
C TYR C 168 47.14 -14.27 -21.67
N GLU C 169 47.71 -13.20 -22.21
CA GLU C 169 48.16 -13.14 -23.61
C GLU C 169 47.07 -13.60 -24.59
N GLY C 170 45.83 -13.26 -24.27
CA GLY C 170 44.71 -13.67 -25.08
C GLY C 170 44.32 -15.12 -24.97
N TYR C 171 45.05 -15.92 -24.19
CA TYR C 171 44.53 -17.20 -23.74
C TYR C 171 43.65 -16.97 -22.52
N ALA C 172 42.68 -17.85 -22.34
CA ALA C 172 41.68 -17.72 -21.30
C ALA C 172 41.63 -19.03 -20.52
N LEU C 173 41.35 -18.93 -19.22
CA LEU C 173 41.60 -20.05 -18.33
C LEU C 173 40.28 -20.50 -17.72
N PRO C 174 39.80 -21.69 -18.07
CA PRO C 174 38.51 -22.14 -17.55
C PRO C 174 38.57 -22.53 -16.08
N HIS C 175 39.75 -22.92 -15.61
CA HIS C 175 39.90 -23.58 -14.33
C HIS C 175 39.77 -22.62 -13.16
N ALA C 176 40.13 -21.34 -13.36
CA ALA C 176 40.20 -20.37 -12.29
C ALA C 176 39.03 -19.40 -12.29
N ILE C 177 37.98 -19.66 -13.08
CA ILE C 177 36.77 -18.86 -13.00
C ILE C 177 36.17 -18.99 -11.60
N MET C 178 35.70 -17.87 -11.06
CA MET C 178 34.98 -17.81 -9.80
C MET C 178 33.72 -16.98 -9.98
N ARG C 179 32.64 -17.38 -9.32
CA ARG C 179 31.36 -16.69 -9.43
C ARG C 179 30.75 -16.52 -8.05
N LEU C 180 30.25 -15.32 -7.77
CA LEU C 180 29.43 -15.04 -6.60
C LEU C 180 28.05 -14.55 -7.02
N ASP C 181 27.03 -14.96 -6.28
CA ASP C 181 25.70 -14.40 -6.39
C ASP C 181 25.48 -13.18 -5.49
N LEU C 182 26.53 -12.65 -4.88
CA LEU C 182 26.46 -11.30 -4.33
C LEU C 182 26.26 -10.29 -5.45
N ALA C 183 25.45 -9.27 -5.18
CA ALA C 183 24.70 -8.64 -6.26
C ALA C 183 24.45 -7.17 -5.97
N GLY C 184 24.22 -6.41 -7.03
CA GLY C 184 23.49 -5.15 -6.92
C GLY C 184 22.13 -5.28 -6.23
N ARG C 185 21.34 -6.28 -6.63
CA ARG C 185 20.08 -6.52 -5.92
C ARG C 185 20.36 -6.79 -4.45
N ASP C 186 21.40 -7.57 -4.19
CA ASP C 186 21.66 -8.05 -2.85
C ASP C 186 22.23 -6.93 -1.97
N LEU C 187 22.66 -5.84 -2.61
CA LEU C 187 22.96 -4.57 -1.95
C LEU C 187 21.72 -3.70 -1.75
N THR C 188 20.80 -3.69 -2.71
CA THR C 188 19.53 -2.99 -2.53
C THR C 188 18.73 -3.58 -1.36
N ASP C 189 18.58 -4.90 -1.34
CA ASP C 189 17.81 -5.54 -0.28
C ASP C 189 18.43 -5.34 1.09
N TYR C 190 19.76 -5.24 1.17
CA TYR C 190 20.39 -4.87 2.44
C TYR C 190 20.14 -3.41 2.79
N LEU C 191 20.20 -2.51 1.80
CA LEU C 191 19.95 -1.10 2.08
C LEU C 191 18.52 -0.84 2.55
N MET C 192 17.55 -1.59 2.05
CA MET C 192 16.19 -1.51 2.58
C MET C 192 16.14 -1.81 4.09
N LYS C 193 16.83 -2.87 4.50
CA LYS C 193 16.86 -3.21 5.91
C LYS C 193 17.60 -2.15 6.70
N ILE C 194 18.74 -1.71 6.21
CA ILE C 194 19.57 -0.81 7.02
C ILE C 194 18.90 0.56 7.11
N LEU C 195 18.18 0.99 6.06
CA LEU C 195 17.35 2.19 6.13
C LEU C 195 16.25 2.04 7.17
N THR C 196 15.70 0.85 7.32
CA THR C 196 14.65 0.64 8.32
C THR C 196 15.11 1.04 9.72
N GLU C 197 16.40 0.92 10.03
CA GLU C 197 16.94 1.41 11.29
C GLU C 197 16.65 2.89 11.56
N ARG C 198 16.46 3.70 10.52
CA ARG C 198 16.05 5.09 10.72
C ARG C 198 14.53 5.27 10.70
N GLY C 199 13.77 4.22 10.43
CA GLY C 199 12.33 4.29 10.38
C GLY C 199 11.74 4.52 9.01
N TYR C 200 12.54 4.44 7.95
CA TYR C 200 12.01 4.49 6.58
C TYR C 200 11.79 3.07 6.11
N SER C 201 10.53 2.68 5.93
CA SER C 201 10.19 1.33 5.50
C SER C 201 9.83 1.35 4.02
N PHE C 202 10.54 0.56 3.23
CA PHE C 202 10.30 0.43 1.79
C PHE C 202 9.89 -1.01 1.49
N VAL C 203 8.59 -1.23 1.23
CA VAL C 203 8.04 -2.58 1.21
C VAL C 203 7.87 -3.09 -0.20
N THR C 204 7.21 -2.32 -1.06
CA THR C 204 6.81 -2.76 -2.38
C THR C 204 8.00 -2.75 -3.34
N THR C 205 7.82 -3.42 -4.48
CA THR C 205 8.83 -3.40 -5.53
C THR C 205 9.00 -2.00 -6.12
N ALA C 206 7.93 -1.22 -6.18
CA ALA C 206 8.05 0.16 -6.60
C ALA C 206 8.87 0.99 -5.61
N GLU C 207 8.76 0.70 -4.32
CA GLU C 207 9.66 1.33 -3.37
C GLU C 207 11.08 0.80 -3.50
N ARG C 208 11.23 -0.48 -3.85
CA ARG C 208 12.56 -1.03 -4.11
C ARG C 208 13.28 -0.29 -5.21
N GLU C 209 12.55 0.17 -6.22
CA GLU C 209 13.15 1.04 -7.24
C GLU C 209 13.59 2.40 -6.68
N ILE C 210 12.90 2.90 -5.65
CA ILE C 210 13.35 4.11 -4.98
C ILE C 210 14.63 3.85 -4.18
N VAL C 211 14.71 2.72 -3.48
CA VAL C 211 15.94 2.42 -2.75
C VAL C 211 17.11 2.19 -3.70
N ARG C 212 16.86 1.57 -4.86
CA ARG C 212 17.90 1.46 -5.87
C ARG C 212 18.40 2.83 -6.32
N ASP C 213 17.49 3.75 -6.60
CA ASP C 213 17.93 5.09 -6.98
C ASP C 213 18.60 5.85 -5.84
N ILE C 214 18.21 5.60 -4.60
CA ILE C 214 18.91 6.17 -3.45
C ILE C 214 20.35 5.70 -3.37
N LYS C 215 20.59 4.40 -3.56
CA LYS C 215 21.97 3.96 -3.47
C LYS C 215 22.80 4.41 -4.66
N GLU C 216 22.17 4.49 -5.85
CA GLU C 216 22.85 4.98 -7.04
C GLU C 216 23.28 6.44 -6.92
N LYS C 217 22.42 7.29 -6.34
CA LYS C 217 22.86 8.66 -6.07
C LYS C 217 23.84 8.77 -4.90
N LEU C 218 23.57 8.10 -3.78
CA LEU C 218 24.22 8.48 -2.53
C LEU C 218 25.31 7.56 -2.01
N CYS C 219 25.32 6.27 -2.34
CA CYS C 219 26.27 5.40 -1.67
C CYS C 219 27.68 5.52 -2.23
N TYR C 220 28.66 5.26 -1.37
CA TYR C 220 30.08 5.29 -1.73
C TYR C 220 30.83 4.28 -0.86
N VAL C 221 32.02 3.90 -1.32
CA VAL C 221 32.87 2.95 -0.60
C VAL C 221 33.77 3.69 0.36
N ALA C 222 33.55 3.46 1.66
CA ALA C 222 34.40 3.99 2.72
C ALA C 222 35.83 3.47 2.61
N LEU C 223 36.79 4.39 2.52
CA LEU C 223 38.18 4.00 2.28
C LEU C 223 38.74 3.16 3.43
N ASP C 224 38.65 3.67 4.65
CA ASP C 224 38.80 2.86 5.85
C ASP C 224 37.46 2.83 6.58
N PHE C 225 36.87 1.64 6.72
CA PHE C 225 35.50 1.55 7.20
C PHE C 225 35.40 1.89 8.68
N GLU C 226 36.32 1.40 9.50
CA GLU C 226 36.15 1.49 10.94
C GLU C 226 36.34 2.93 11.44
N ASN C 227 37.29 3.66 10.84
CA ASN C 227 37.46 5.07 11.17
C ASN C 227 36.29 5.91 10.68
N GLU C 228 35.74 5.60 9.52
CA GLU C 228 34.61 6.38 9.02
C GLU C 228 33.34 6.08 9.82
N MET C 229 33.16 4.84 10.26
CA MET C 229 32.12 4.55 11.25
C MET C 229 32.32 5.35 12.53
N ALA C 230 33.55 5.46 13.02
CA ALA C 230 33.80 6.23 14.24
C ALA C 230 33.50 7.71 14.04
N THR C 231 33.99 8.29 12.94
CA THR C 231 33.80 9.72 12.66
C THR C 231 32.37 10.08 12.28
N ALA C 232 31.64 9.15 11.64
CA ALA C 232 30.24 9.43 11.30
C ALA C 232 29.38 9.59 12.55
N ALA C 233 29.68 8.86 13.61
CA ALA C 233 28.95 9.07 14.86
C ALA C 233 29.20 10.47 15.43
N SER C 234 30.45 10.93 15.36
CA SER C 234 30.78 12.23 15.93
C SER C 234 30.26 13.38 15.07
N SER C 235 30.49 13.33 13.76
CA SER C 235 30.14 14.42 12.85
C SER C 235 28.94 14.08 11.99
N SER C 236 27.94 14.97 11.99
CA SER C 236 26.82 14.97 11.06
C SER C 236 27.20 15.35 9.63
N SER C 237 28.47 15.73 9.39
CA SER C 237 28.90 16.15 8.06
C SER C 237 28.68 15.09 6.99
N LEU C 238 28.79 13.81 7.35
CA LEU C 238 28.48 12.76 6.39
C LEU C 238 27.00 12.71 6.01
N GLU C 239 26.11 13.09 6.92
CA GLU C 239 24.68 12.95 6.65
C GLU C 239 24.26 13.80 5.46
N LYS C 240 23.43 13.22 4.59
CA LYS C 240 23.07 13.83 3.32
C LYS C 240 21.61 13.56 3.02
N SER C 241 21.02 14.41 2.19
CA SER C 241 19.57 14.51 2.04
C SER C 241 19.14 13.96 0.69
N TYR C 242 18.01 13.25 0.68
CA TYR C 242 17.36 12.78 -0.53
C TYR C 242 15.89 13.20 -0.50
N GLU C 243 15.37 13.64 -1.65
CA GLU C 243 13.99 14.08 -1.77
C GLU C 243 13.18 13.08 -2.59
N LEU C 244 12.11 12.57 -1.97
CA LEU C 244 11.33 11.48 -2.51
C LEU C 244 10.48 11.92 -3.69
N PRO C 245 9.86 10.98 -4.42
CA PRO C 245 8.93 11.36 -5.49
C PRO C 245 7.86 12.37 -5.10
N ASP C 246 7.34 12.30 -3.88
CA ASP C 246 6.30 13.22 -3.41
C ASP C 246 6.86 14.40 -2.61
N GLY C 247 8.14 14.69 -2.72
CA GLY C 247 8.71 15.87 -2.11
C GLY C 247 8.96 15.78 -0.61
N GLN C 248 8.67 14.66 0.02
CA GLN C 248 9.20 14.41 1.35
C GLN C 248 10.71 14.22 1.26
N VAL C 249 11.39 14.35 2.41
CA VAL C 249 12.83 14.35 2.43
C VAL C 249 13.36 13.34 3.43
N ILE C 250 14.54 12.80 3.10
CA ILE C 250 15.17 11.68 3.79
C ILE C 250 16.59 12.10 4.13
N THR C 251 17.07 11.69 5.29
CA THR C 251 18.44 11.97 5.69
C THR C 251 19.14 10.69 6.10
N ILE C 252 20.33 10.48 5.57
CA ILE C 252 21.00 9.18 5.56
C ILE C 252 22.42 9.38 6.09
N GLY C 253 22.81 8.55 7.06
CA GLY C 253 24.11 8.73 7.68
C GLY C 253 25.10 7.64 7.34
N ASN C 254 25.51 6.86 8.35
CA ASN C 254 26.49 5.81 8.12
C ASN C 254 25.98 4.70 7.20
N GLU C 255 24.67 4.59 6.98
CA GLU C 255 24.14 3.66 5.98
C GLU C 255 24.75 3.91 4.61
N ARG C 256 25.11 5.17 4.35
CA ARG C 256 25.56 5.61 3.03
C ARG C 256 26.82 4.88 2.57
N PHE C 257 27.83 4.76 3.43
CA PHE C 257 28.93 3.87 3.15
C PHE C 257 28.74 2.44 3.64
N ARG C 258 27.99 2.21 4.72
CA ARG C 258 27.81 0.84 5.22
C ARG C 258 27.23 -0.09 4.18
N CYS C 259 26.40 0.41 3.25
CA CYS C 259 25.83 -0.47 2.24
C CYS C 259 26.87 -1.06 1.28
N PRO C 260 27.69 -0.26 0.58
CA PRO C 260 28.76 -0.85 -0.24
C PRO C 260 29.79 -1.69 0.52
N GLU C 261 29.91 -1.53 1.84
CA GLU C 261 30.77 -2.42 2.63
C GLU C 261 30.44 -3.91 2.47
N THR C 262 29.17 -4.25 2.27
CA THR C 262 28.78 -5.66 2.08
C THR C 262 29.55 -6.38 0.99
N LEU C 263 30.03 -5.67 -0.03
CA LEU C 263 30.80 -6.34 -1.08
C LEU C 263 32.15 -6.82 -0.56
N PHE C 264 32.79 -6.02 0.28
CA PHE C 264 34.02 -6.40 0.96
C PHE C 264 33.80 -7.37 2.12
N GLN C 265 32.65 -7.29 2.80
CA GLN C 265 32.33 -8.16 3.92
C GLN C 265 30.93 -8.74 3.79
N PRO C 266 30.77 -9.76 2.95
CA PRO C 266 29.44 -10.36 2.74
C PRO C 266 28.82 -10.96 3.99
N SER C 267 29.57 -11.09 5.09
CA SER C 267 28.96 -11.50 6.35
C SER C 267 27.91 -10.51 6.83
N PHE C 268 27.93 -9.26 6.34
CA PHE C 268 26.88 -8.31 6.67
C PHE C 268 25.52 -8.78 6.17
N ILE C 269 25.44 -9.18 4.89
CA ILE C 269 24.21 -9.79 4.39
C ILE C 269 24.02 -11.20 4.94
N GLY C 270 25.09 -11.86 5.34
CA GLY C 270 25.00 -13.15 5.98
C GLY C 270 25.56 -14.32 5.20
N MET C 271 26.38 -14.08 4.19
CA MET C 271 26.94 -15.14 3.37
C MET C 271 28.28 -15.58 3.93
N GLU C 272 28.62 -16.84 3.70
CA GLU C 272 30.03 -17.24 3.65
C GLU C 272 30.57 -16.86 2.29
N SER C 273 31.43 -15.84 2.24
CA SER C 273 32.21 -15.58 1.05
C SER C 273 33.42 -14.74 1.41
N ALA C 274 34.47 -14.88 0.62
CA ALA C 274 35.46 -13.82 0.48
C ALA C 274 34.82 -12.57 -0.10
N GLY C 275 35.37 -11.42 0.25
CA GLY C 275 35.02 -10.19 -0.43
C GLY C 275 35.48 -10.26 -1.88
N ILE C 276 35.15 -9.22 -2.64
CA ILE C 276 35.65 -9.15 -4.00
C ILE C 276 37.17 -9.04 -4.05
N HIS C 277 37.78 -8.44 -3.02
CA HIS C 277 39.23 -8.36 -2.98
C HIS C 277 39.85 -9.72 -2.71
N GLU C 278 39.36 -10.45 -1.71
CA GLU C 278 39.92 -11.75 -1.40
C GLU C 278 39.59 -12.79 -2.45
N THR C 279 38.44 -12.66 -3.13
CA THR C 279 38.15 -13.49 -4.29
C THR C 279 39.11 -13.21 -5.44
N THR C 280 39.49 -11.94 -5.65
CA THR C 280 40.42 -11.63 -6.72
C THR C 280 41.81 -12.16 -6.39
N TYR C 281 42.26 -11.96 -5.16
CA TYR C 281 43.56 -12.48 -4.73
C TYR C 281 43.61 -14.01 -4.81
N ASN C 282 42.55 -14.68 -4.36
CA ASN C 282 42.51 -16.15 -4.45
C ASN C 282 42.48 -16.62 -5.90
N SER C 283 41.80 -15.89 -6.79
CA SER C 283 41.80 -16.29 -8.20
C SER C 283 43.17 -16.09 -8.84
N ILE C 284 43.86 -15.01 -8.50
CA ILE C 284 45.24 -14.84 -8.95
C ILE C 284 46.12 -15.98 -8.44
N MET C 285 46.02 -16.29 -7.15
CA MET C 285 46.84 -17.37 -6.57
C MET C 285 46.54 -18.75 -7.15
N LYS C 286 45.31 -18.99 -7.61
CA LYS C 286 45.09 -20.23 -8.36
C LYS C 286 45.76 -20.25 -9.72
N CYS C 287 46.30 -19.14 -10.20
CA CYS C 287 47.04 -19.09 -11.45
C CYS C 287 48.52 -19.38 -11.23
N ASP C 288 49.19 -19.87 -12.27
CA ASP C 288 50.58 -20.27 -12.17
C ASP C 288 51.49 -19.08 -11.90
N ILE C 289 52.55 -19.33 -11.14
CA ILE C 289 53.31 -18.27 -10.47
C ILE C 289 53.88 -17.26 -11.44
N ASP C 290 54.11 -17.66 -12.69
CA ASP C 290 54.61 -16.72 -13.70
C ASP C 290 53.55 -15.72 -14.12
N ILE C 291 52.31 -16.19 -14.29
CA ILE C 291 51.18 -15.34 -14.64
C ILE C 291 50.92 -14.28 -13.57
N ARG C 292 51.11 -14.64 -12.30
CA ARG C 292 50.58 -13.85 -11.19
C ARG C 292 51.11 -12.42 -11.14
N LYS C 293 52.38 -12.20 -11.47
CA LYS C 293 52.88 -10.83 -11.58
C LYS C 293 52.14 -10.03 -12.64
N ASP C 294 51.88 -10.65 -13.79
CA ASP C 294 51.26 -9.94 -14.89
C ASP C 294 49.78 -9.69 -14.62
N LEU C 295 49.13 -10.57 -13.87
CA LEU C 295 47.79 -10.27 -13.38
C LEU C 295 47.79 -9.16 -12.33
N TYR C 296 48.72 -9.18 -11.36
CA TYR C 296 48.78 -8.07 -10.42
C TYR C 296 48.97 -6.73 -11.13
N ALA C 297 49.67 -6.74 -12.26
CA ALA C 297 49.79 -5.53 -13.08
C ALA C 297 48.49 -5.11 -13.77
N ASN C 298 47.48 -5.97 -13.87
CA ASN C 298 46.21 -5.58 -14.48
C ASN C 298 45.04 -6.15 -13.69
N ASN C 299 44.21 -5.27 -13.14
CA ASN C 299 42.90 -5.64 -12.62
C ASN C 299 41.86 -4.69 -13.20
N VAL C 300 40.78 -5.24 -13.73
CA VAL C 300 39.88 -4.52 -14.61
C VAL C 300 38.46 -4.70 -14.10
N MET C 301 37.68 -3.62 -14.10
CA MET C 301 36.42 -3.55 -13.40
C MET C 301 35.32 -3.16 -14.39
N SER C 302 34.24 -3.91 -14.40
CA SER C 302 33.18 -3.72 -15.37
C SER C 302 31.82 -3.95 -14.71
N GLY C 303 30.82 -3.20 -15.17
CA GLY C 303 29.48 -3.30 -14.67
C GLY C 303 29.20 -2.34 -13.53
N GLY C 304 27.90 -2.09 -13.32
CA GLY C 304 27.50 -0.94 -12.52
C GLY C 304 27.88 -1.03 -11.05
N THR C 305 27.85 -2.22 -10.47
CA THR C 305 28.17 -2.35 -9.06
C THR C 305 29.60 -1.93 -8.76
N THR C 306 30.48 -1.99 -9.75
CA THR C 306 31.82 -1.43 -9.64
C THR C 306 31.84 0.09 -9.48
N MET C 307 30.75 0.79 -9.83
CA MET C 307 30.85 2.23 -10.02
C MET C 307 30.80 3.07 -8.75
N TYR C 308 30.65 2.49 -7.56
CA TYR C 308 30.65 3.31 -6.37
C TYR C 308 31.94 4.12 -6.25
N PRO C 309 31.86 5.40 -5.86
CA PRO C 309 33.07 6.18 -5.56
C PRO C 309 34.01 5.51 -4.57
N GLY C 310 35.31 5.52 -4.91
CA GLY C 310 36.35 4.98 -4.05
C GLY C 310 36.47 3.47 -4.05
N ILE C 311 35.75 2.80 -4.93
CA ILE C 311 35.78 1.34 -5.02
C ILE C 311 37.20 0.87 -5.34
N ALA C 312 37.83 1.46 -6.35
CA ALA C 312 39.16 1.05 -6.76
C ALA C 312 40.22 1.43 -5.73
N ASP C 313 40.08 2.59 -5.10
CA ASP C 313 41.03 2.97 -4.06
C ASP C 313 41.00 2.01 -2.88
N ARG C 314 39.80 1.58 -2.46
CA ARG C 314 39.75 0.56 -1.42
C ARG C 314 40.28 -0.78 -1.93
N MET C 315 39.89 -1.17 -3.14
CA MET C 315 40.29 -2.47 -3.66
C MET C 315 41.81 -2.58 -3.71
N GLN C 316 42.46 -1.51 -4.19
CA GLN C 316 43.92 -1.46 -4.22
C GLN C 316 44.51 -1.47 -2.82
N LYS C 317 43.91 -0.72 -1.89
CA LYS C 317 44.43 -0.69 -0.53
C LYS C 317 44.36 -2.06 0.16
N GLU C 318 43.31 -2.84 -0.12
CA GLU C 318 43.22 -4.17 0.46
C GLU C 318 44.04 -5.24 -0.29
N ILE C 319 44.14 -5.17 -1.61
CA ILE C 319 45.02 -6.11 -2.31
C ILE C 319 46.49 -5.85 -1.98
N THR C 320 46.91 -4.58 -1.92
CA THR C 320 48.28 -4.26 -1.56
C THR C 320 48.68 -4.85 -0.21
N ALA C 321 47.74 -4.93 0.73
CA ALA C 321 48.04 -5.54 2.02
C ALA C 321 48.10 -7.06 1.97
N LEU C 322 47.49 -7.70 0.98
CA LEU C 322 47.60 -9.16 0.84
C LEU C 322 48.82 -9.59 0.05
N ALA C 323 49.09 -8.93 -1.08
CA ALA C 323 50.14 -9.36 -1.98
C ALA C 323 51.53 -9.10 -1.37
N PRO C 324 52.54 -9.85 -1.82
CA PRO C 324 53.93 -9.49 -1.53
C PRO C 324 54.23 -8.03 -1.88
N SER C 325 54.93 -7.35 -0.97
CA SER C 325 55.09 -5.91 -1.01
C SER C 325 55.93 -5.43 -2.18
N THR C 326 56.65 -6.32 -2.88
CA THR C 326 57.46 -5.93 -4.01
C THR C 326 56.66 -5.88 -5.31
N MET C 327 55.38 -6.23 -5.28
CA MET C 327 54.54 -6.18 -6.47
C MET C 327 54.04 -4.77 -6.69
N LYS C 328 54.10 -4.31 -7.93
CA LYS C 328 53.23 -3.22 -8.37
C LYS C 328 51.83 -3.77 -8.59
N ILE C 329 50.85 -3.17 -7.93
CA ILE C 329 49.46 -3.61 -8.00
C ILE C 329 48.62 -2.48 -8.57
N LYS C 330 47.93 -2.77 -9.67
CA LYS C 330 47.34 -1.73 -10.50
C LYS C 330 45.91 -2.11 -10.82
N ILE C 331 45.00 -1.18 -10.63
CA ILE C 331 43.56 -1.42 -10.82
C ILE C 331 43.03 -0.33 -11.73
N ILE C 332 42.16 -0.73 -12.66
CA ILE C 332 41.89 0.05 -13.85
C ILE C 332 40.39 0.25 -13.94
N ALA C 333 39.97 1.50 -13.97
CA ALA C 333 38.56 1.81 -14.20
C ALA C 333 38.48 2.97 -15.17
N PRO C 334 37.87 2.77 -16.34
CA PRO C 334 37.31 3.88 -17.09
C PRO C 334 36.07 4.41 -16.38
N PRO C 335 35.58 5.60 -16.76
CA PRO C 335 34.25 5.99 -16.29
C PRO C 335 33.13 5.23 -16.99
N GLU C 336 33.40 4.60 -18.12
CA GLU C 336 32.43 3.96 -19.00
C GLU C 336 32.00 2.56 -18.54
N ARG C 337 32.49 2.09 -17.40
CA ARG C 337 32.46 0.66 -17.05
C ARG C 337 31.11 -0.02 -17.26
N LYS C 338 30.00 0.66 -16.97
CA LYS C 338 28.70 -0.01 -17.11
C LYS C 338 28.41 -0.43 -18.54
N TYR C 339 28.98 0.24 -19.53
CA TYR C 339 28.76 -0.14 -20.93
C TYR C 339 29.88 -1.02 -21.48
N SER C 340 30.91 -1.28 -20.67
CA SER C 340 32.13 -1.95 -21.13
C SER C 340 31.87 -3.30 -21.80
N VAL C 341 31.02 -4.13 -21.20
CA VAL C 341 30.68 -5.41 -21.83
C VAL C 341 30.02 -5.22 -23.19
N TRP C 342 29.08 -4.28 -23.29
CA TRP C 342 28.45 -4.05 -24.59
C TRP C 342 29.43 -3.53 -25.63
N ILE C 343 30.30 -2.60 -25.23
CA ILE C 343 31.33 -2.09 -26.15
C ILE C 343 32.25 -3.21 -26.62
N GLY C 344 32.65 -4.10 -25.71
CA GLY C 344 33.44 -5.26 -26.11
C GLY C 344 32.71 -6.17 -27.07
N GLY C 345 31.41 -6.37 -26.88
CA GLY C 345 30.66 -7.15 -27.84
C GLY C 345 30.50 -6.46 -29.18
N SER C 346 30.36 -5.14 -29.17
CA SER C 346 30.31 -4.37 -30.41
C SER C 346 31.60 -4.55 -31.20
N ILE C 347 32.74 -4.42 -30.53
CA ILE C 347 34.03 -4.62 -31.18
C ILE C 347 34.13 -6.05 -31.72
N LEU C 348 33.84 -7.04 -30.88
CA LEU C 348 34.03 -8.42 -31.30
C LEU C 348 33.14 -8.76 -32.48
N ALA C 349 31.88 -8.31 -32.46
CA ALA C 349 30.98 -8.56 -33.57
C ALA C 349 31.44 -7.86 -34.84
N SER C 350 32.00 -6.66 -34.72
CA SER C 350 32.47 -5.96 -35.90
C SER C 350 33.70 -6.62 -36.50
N LEU C 351 34.54 -7.22 -35.65
CA LEU C 351 35.81 -7.80 -36.09
C LEU C 351 35.58 -8.90 -37.13
N SER C 352 36.17 -8.72 -38.32
CA SER C 352 36.02 -9.66 -39.42
C SER C 352 36.53 -11.05 -39.06
N THR C 353 37.56 -11.15 -38.21
CA THR C 353 38.07 -12.44 -37.76
C THR C 353 36.98 -13.29 -37.11
N PHE C 354 35.99 -12.64 -36.48
CA PHE C 354 34.97 -13.37 -35.74
C PHE C 354 33.99 -14.08 -36.66
N GLN C 355 33.84 -13.61 -37.90
CA GLN C 355 32.63 -13.81 -38.70
C GLN C 355 32.35 -15.29 -39.00
N GLN C 356 33.35 -16.17 -38.88
CA GLN C 356 33.09 -17.59 -39.05
C GLN C 356 32.47 -18.25 -37.84
N MET C 357 32.51 -17.59 -36.68
CA MET C 357 32.06 -18.17 -35.42
C MET C 357 30.54 -18.15 -35.25
N TRP C 358 29.84 -17.28 -35.98
CA TRP C 358 28.38 -17.31 -35.96
C TRP C 358 27.84 -18.70 -36.25
N ILE C 359 26.82 -19.08 -35.49
CA ILE C 359 26.05 -20.31 -35.74
C ILE C 359 24.94 -19.96 -36.73
N THR C 360 24.97 -20.57 -37.91
CA THR C 360 23.91 -20.32 -38.88
C THR C 360 22.66 -21.11 -38.49
N LYS C 361 21.50 -20.51 -38.76
CA LYS C 361 20.23 -21.16 -38.42
C LYS C 361 20.12 -22.57 -39.00
N GLN C 362 20.52 -22.75 -40.26
CA GLN C 362 20.55 -24.08 -40.86
C GLN C 362 21.46 -25.04 -40.10
N GLU C 363 22.66 -24.58 -39.72
CA GLU C 363 23.59 -25.40 -38.96
C GLU C 363 23.04 -25.78 -37.59
N TYR C 364 22.30 -24.87 -36.95
CA TYR C 364 21.55 -25.26 -35.76
C TYR C 364 20.47 -26.27 -36.09
N ASP C 365 19.78 -26.10 -37.23
CA ASP C 365 18.64 -26.94 -37.54
C ASP C 365 19.06 -28.39 -37.70
N GLU C 366 20.17 -28.62 -38.41
CA GLU C 366 20.73 -29.96 -38.55
C GLU C 366 21.40 -30.45 -37.27
N ALA C 367 22.20 -29.61 -36.59
CA ALA C 367 22.97 -30.09 -35.45
C ALA C 367 22.11 -30.36 -34.21
N GLY C 368 21.03 -29.61 -34.02
CA GLY C 368 20.28 -29.66 -32.79
C GLY C 368 20.92 -28.84 -31.68
N PRO C 369 20.20 -28.64 -30.58
CA PRO C 369 20.55 -27.58 -29.64
C PRO C 369 21.94 -27.65 -29.04
N SER C 370 22.54 -28.85 -28.96
CA SER C 370 23.82 -28.99 -28.28
C SER C 370 24.90 -28.09 -28.90
N ILE C 371 24.82 -27.83 -30.21
CA ILE C 371 25.87 -27.11 -30.92
C ILE C 371 26.23 -25.77 -30.27
N VAL C 372 25.26 -25.11 -29.63
CA VAL C 372 25.51 -23.79 -29.03
C VAL C 372 26.67 -23.82 -28.05
N HIS C 373 26.92 -24.95 -27.40
CA HIS C 373 27.94 -24.99 -26.35
C HIS C 373 29.37 -25.09 -26.89
N ARG C 374 29.55 -25.29 -28.19
CA ARG C 374 30.91 -25.36 -28.73
C ARG C 374 31.68 -24.07 -28.44
N LYS C 375 32.95 -24.22 -28.08
CA LYS C 375 33.71 -23.16 -27.44
C LYS C 375 34.83 -22.69 -28.37
N CYS C 376 34.97 -21.38 -28.50
CA CYS C 376 35.72 -20.80 -29.61
C CYS C 376 36.39 -19.51 -29.16
N PHE C 377 37.58 -19.26 -29.69
CA PHE C 377 38.24 -17.97 -29.53
C PHE C 377 38.77 -17.46 -30.86
PB ADP D . -27.78 15.28 -5.63
O1B ADP D . -28.79 14.58 -4.75
O2B ADP D . -28.32 15.75 -6.96
O3B ADP D . -26.43 14.62 -5.72
PA ADP D . -26.63 17.81 -5.57
O1A ADP D . -27.43 18.42 -6.69
O2A ADP D . -25.26 17.26 -5.85
O3A ADP D . -27.47 16.64 -4.85
O5' ADP D . -26.52 18.87 -4.38
C5' ADP D . -27.70 19.45 -3.82
C4' ADP D . -27.38 19.97 -2.43
O4' ADP D . -26.44 21.02 -2.54
C3' ADP D . -28.58 20.55 -1.70
O3' ADP D . -28.40 20.43 -0.29
C2' ADP D . -28.55 22.00 -2.10
O2' ADP D . -29.13 22.80 -1.09
C1' ADP D . -27.06 22.27 -2.21
N9 ADP D . -26.76 23.29 -3.24
C8 ADP D . -27.09 23.21 -4.54
N7 ADP D . -26.67 24.32 -5.22
C5 ADP D . -26.07 25.12 -4.33
C6 ADP D . -25.40 26.44 -4.38
N6 ADP D . -25.30 27.13 -5.54
N1 ADP D . -24.89 26.93 -3.23
C2 ADP D . -24.98 26.25 -2.07
N3 ADP D . -25.58 25.05 -1.95
C4 ADP D . -26.13 24.45 -3.03
P PO4 E . -25.52 11.76 -3.09
O1 PO4 E . -26.14 12.71 -2.10
O2 PO4 E . -25.61 12.35 -4.48
O3 PO4 E . -24.07 11.54 -2.74
O4 PO4 E . -26.26 10.45 -3.06
MG MG F . -24.63 13.27 -6.43
C35 9UE G . -30.44 -4.10 11.34
C34 9UE G . -31.20 -0.25 4.98
C33 9UE G . -31.35 -0.66 3.67
C32 9UE G . -30.80 -1.86 3.26
C31 9UE G . -30.10 -2.64 4.15
C30 9UE G . -29.96 -2.22 5.46
C29 9UE G . -30.50 -1.02 5.90
C28 9UE G . -25.94 4.76 6.47
C27 9UE G . -24.57 3.57 5.22
C26 9UE G . -23.51 3.11 4.45
C25 9UE G . -23.58 1.81 3.97
C24 9UE G . -24.67 1.01 4.24
O2 9UE G . -29.98 1.69 8.91
C1 9UE G . -28.54 -0.78 12.09
O1 9UE G . -30.07 -3.77 8.10
C2 9UE G . -28.97 -2.25 12.17
C3 9UE G . -29.96 -2.69 11.12
O3 9UE G . -26.06 1.28 9.95
C4 9UE G . -29.99 -2.77 8.75
C5 9UE G . -30.74 -1.51 8.47
O4 9UE G . -25.24 3.00 14.26
C6 9UE G . -30.36 -0.51 7.32
C23 9UE G . -25.72 1.48 5.01
C22 9UE G . -25.68 2.76 5.51
C21 9UE G . -26.56 3.55 6.30
C20 9UE G . -27.87 3.01 6.83
C19 9UE G . -28.05 4.25 9.48
C18 9UE G . -25.05 4.18 11.14
C17 9UE G . -24.02 1.12 15.63
N3 9UE G . -24.76 4.80 5.82
C16 9UE G . -27.16 -0.30 15.06
C15 9UE G . -27.10 -0.68 12.57
N2 9UE G . -25.36 2.00 12.22
C14 9UE G . -26.48 -0.49 13.74
C13 9UE G . -24.98 -0.47 13.82
C12 9UE G . -24.28 0.87 14.14
N1 9UE G . -27.39 2.95 9.32
C11 9UE G . -25.02 2.04 13.52
C10 9UE G . -26.04 3.06 11.48
C9 9UE G . -26.53 2.37 10.19
C8 9UE G . -27.77 2.17 8.12
C7 9UE G . -29.05 1.33 8.20
O5 9UE G . -30.97 -2.23 1.95
BR 9UE G . -26.47 6.30 7.37
N 9UE G . -29.12 0.26 7.40
O 9UE G . -29.24 -2.64 9.84
C 9UE G . -29.54 0.17 12.75
PB ADP H . -0.87 -7.21 21.09
O1B ADP H . -0.91 -5.76 20.69
O2B ADP H . -1.18 -7.48 22.54
O3B ADP H . 0.30 -7.99 20.57
PA ADP H . -2.63 -9.33 20.65
O1A ADP H . -3.24 -9.38 22.02
O2A ADP H . -1.51 -10.28 20.32
O3A ADP H . -2.12 -7.85 20.31
O5' ADP H . -3.78 -9.53 19.55
C5' ADP H . -4.94 -8.70 19.52
C4' ADP H . -5.53 -8.77 18.12
O4' ADP H . -5.99 -10.10 17.90
C3' ADP H . -6.74 -7.88 17.91
O3' ADP H . -6.86 -7.51 16.55
C2' ADP H . -7.89 -8.77 18.31
O2' ADP H . -9.06 -8.39 17.58
C1' ADP H . -7.41 -10.13 17.85
N9 ADP H . -7.95 -11.22 18.71
C8 ADP H . -7.77 -11.31 20.04
N7 ADP H . -8.39 -12.42 20.54
C5 ADP H . -8.97 -13.05 19.50
C6 ADP H . -9.78 -14.27 19.32
N6 ADP H . -10.09 -15.05 20.38
N1 ADP H . -10.20 -14.57 18.07
C2 ADP H . -9.89 -13.79 17.02
N3 ADP H . -9.16 -12.67 17.11
C4 ADP H . -8.69 -12.24 18.31
P PO4 I . 2.59 -5.70 18.03
O1 PO4 I . 1.48 -4.70 18.21
O2 PO4 I . 3.90 -5.07 18.41
O3 PO4 I . 2.33 -6.91 18.89
O4 PO4 I . 2.64 -6.14 16.59
MG MG J . 2.23 -9.34 20.42
C35 9UE K . 10.41 11.43 7.21
C34 9UE K . 8.42 7.47 13.21
C33 9UE K . 9.04 7.29 14.44
C32 9UE K . 10.42 7.33 14.53
C31 9UE K . 11.18 7.56 13.38
C30 9UE K . 10.54 7.74 12.17
C29 9UE K . 9.16 7.71 12.06
C28 9UE K . 5.97 1.51 9.41
C27 9UE K . 7.90 0.50 9.72
C26 9UE K . 8.94 -0.41 9.81
C25 9UE K . 10.18 0.06 10.22
C24 9UE K . 10.36 1.40 10.53
O2 9UE K . 6.27 7.12 9.26
C1 9UE K . 8.20 8.60 5.69
O1 9UE K . 11.12 9.67 9.88
C2 9UE K . 9.25 9.71 5.80
C3 9UE K . 9.46 10.25 7.19
O3 9UE K . 8.01 4.78 6.43
C4 9UE K . 10.13 9.37 9.28
C5 9UE K . 8.79 9.16 9.91
O4 9UE K . 5.76 5.10 2.31
C6 9UE K . 8.41 7.90 10.75
C23 9UE K . 9.32 2.30 10.44
C22 9UE K . 8.07 1.86 10.03
C21 9UE K . 6.81 2.50 9.84
C20 9UE K . 6.60 3.98 10.05
C19 9UE K . 4.71 4.65 7.87
C18 9UE K . 5.60 3.07 4.97
C17 9UE K . 7.56 5.63 0.47
N3 9UE K . 6.60 0.31 9.34
C16 9UE K . 7.61 8.52 2.44
C15 9UE K . 8.61 7.65 4.58
N2 9UE K . 7.09 4.83 4.12
C14 9UE K . 8.40 7.55 3.27
C13 9UE K . 9.01 6.41 2.48
C12 9UE K . 8.05 5.35 1.90
N1 9UE K . 6.16 4.70 7.66
C11 9UE K . 6.87 5.08 2.83
C10 9UE K . 6.08 4.52 5.13
C9 9UE K . 6.80 4.71 6.47
C8 9UE K . 6.99 4.89 8.86
C7 9UE K . 7.17 6.31 9.41
O5 9UE K . 10.99 7.15 15.74
BR 9UE K . 4.15 1.55 8.96
N 9UE K . 8.28 6.58 10.11
O 9UE K . 10.08 9.17 7.96
C 9UE K . 6.76 9.13 5.62
PB ADP L . 23.56 -5.56 -16.03
O1B ADP L . 22.38 -6.42 -15.63
O2B ADP L . 23.29 -4.61 -17.16
O3B ADP L . 24.86 -6.30 -16.14
PA ADP L . 24.75 -3.35 -14.84
O1A ADP L . 24.21 -2.29 -15.76
O2A ADP L . 26.14 -3.88 -15.10
O3A ADP L . 23.77 -4.61 -14.76
O5' ADP L . 24.68 -2.86 -13.31
C5' ADP L . 23.45 -2.41 -12.75
C4' ADP L . 23.57 -2.53 -11.24
O4' ADP L . 24.58 -1.63 -10.79
C3' ADP L . 22.31 -2.16 -10.49
O3' ADP L . 22.26 -2.83 -9.23
C2' ADP L . 22.48 -0.68 -10.26
O2' ADP L . 21.80 -0.29 -9.07
C1' ADP L . 23.98 -0.56 -10.06
N9 ADP L . 24.50 0.75 -10.54
C8 ADP L . 24.36 1.23 -11.79
N7 ADP L . 24.94 2.45 -11.90
C5 ADP L . 25.46 2.76 -10.70
C6 ADP L . 26.21 3.90 -10.14
N6 ADP L . 26.52 4.97 -10.89
N1 ADP L . 26.57 3.83 -8.84
C2 ADP L . 26.26 2.76 -8.08
N3 ADP L . 25.59 1.69 -8.52
C4 ADP L . 25.17 1.63 -9.81
P PO4 M . 24.28 -10.28 -14.88
O1 PO4 M . 22.82 -10.07 -14.52
O2 PO4 M . 24.37 -11.40 -15.88
O3 PO4 M . 24.85 -9.01 -15.46
O4 PO4 M . 25.06 -10.63 -13.64
MG MG N . 26.51 -7.31 -16.77
C35 9UE O . 15.87 -29.24 -8.55
C34 9UE O . 16.67 -23.32 -12.94
C33 9UE O . 16.80 -23.20 -14.31
C32 9UE O . 17.41 -24.21 -15.03
C31 9UE O . 17.87 -25.35 -14.37
C30 9UE O . 17.73 -25.44 -13.00
C29 9UE O . 17.11 -24.44 -12.26
C28 9UE O . 21.81 -19.97 -8.83
C27 9UE O . 23.35 -20.92 -10.10
C26 9UE O . 24.52 -21.28 -10.75
C25 9UE O . 24.46 -22.33 -11.65
C24 9UE O . 23.27 -23.00 -11.88
O2 9UE O . 17.08 -23.05 -8.39
C1 9UE O . 17.67 -26.73 -6.20
O1 9UE O . 16.99 -27.81 -11.23
C2 9UE O . 17.18 -28.06 -6.78
C3 9UE O . 16.43 -27.93 -8.08
O3 9UE O . 20.60 -24.33 -6.87
C4 9UE O . 16.94 -27.13 -10.24
C5 9UE O . 16.29 -25.78 -10.16
O4 9UE O . 20.55 -24.41 -2.17
C6 9UE O . 16.94 -24.50 -10.75
C23 9UE O . 22.12 -22.64 -11.23
C22 9UE O . 22.14 -21.59 -10.32
C21 9UE O . 21.15 -20.96 -9.51
C20 9UE O . 19.72 -21.43 -9.48
C19 9UE O . 19.00 -21.12 -6.60
C18 9UE O . 21.49 -22.19 -4.51
C17 9UE O . 21.36 -26.78 -1.42
N3 9UE O . 23.12 -19.92 -9.18
C16 9UE O . 18.37 -27.57 -3.08
C15 9UE O . 18.96 -26.98 -5.46
N2 9UE O . 20.84 -24.55 -4.41
C14 9UE O . 19.32 -27.30 -4.21
C13 9UE O . 20.77 -27.47 -3.85
C12 9UE O . 21.42 -26.44 -2.91
N1 9UE O . 19.59 -22.37 -7.09
C11 9UE O . 20.89 -25.04 -3.16
C10 9UE O . 20.41 -23.21 -4.82
C9 9UE O . 20.18 -23.33 -6.34
C8 9UE O . 19.42 -22.62 -8.54
C7 9UE O . 18.11 -23.25 -9.01
O5 9UE O . 17.53 -24.08 -16.38
BR 9UE O . 21.19 -18.73 -7.59
N 9UE O . 18.16 -23.96 -10.15
O 9UE O . 17.44 -27.49 -9.06
C 9UE O . 16.58 -25.98 -5.43
#